data_1QO3
#
_entry.id   1QO3
#
_cell.length_a   78.963
_cell.length_b   96.957
_cell.length_c   99.318
_cell.angle_alpha   90.00
_cell.angle_beta   90.00
_cell.angle_gamma   90.00
#
_symmetry.space_group_name_H-M   'P 21 21 21'
#
loop_
_entity.id
_entity.type
_entity.pdbx_description
1 polymer 'MHC CLASS I H-2DD HEAVY CHAIN'
2 polymer BETA-2-MICROGLOBULIN
3 polymer LY49A
4 polymer 'HIV ENVELOPE GLYCOPROTEIN 120 PEPTIDE'
5 non-polymer 1,2-ETHANEDIOL
6 water water
#
loop_
_entity_poly.entity_id
_entity_poly.type
_entity_poly.pdbx_seq_one_letter_code
_entity_poly.pdbx_strand_id
1 'polypeptide(L)'
;MSHSLRYFVTAVSRPGFGEPRYMEVGYVDNTEFVRFDSDAENPRYEPRARWIEQEGPEYWERETRRAKGNEQSFRVDLRT
ALRYYNQSAGGSHTLQWMAGCDVESDGRLLRGYWQFAYDGCDYIALNEDLKTWTAADMAAQITRRKWEQAGAAERDRAYL
EGECVEWLRRYLKNGNATLLRTDPPKAHVTHHRRPEGDVTLRCWALGFYPADITLTWQLNGEELTQEMELVETRPAGDGT
FQKWASVVVPLGKEQKYTCHVEHEGLPEPLTLRWGKE
;
A
2 'polypeptide(L)'
;MIQKTPQIQVYSRHPPENGKPNILNCYVTQFHPPHIEIQMLKNGKKIPKVEMSDMSFSKDWSFYILAHTEFTPTETDTYA
CRVKHASMAEPKTVYWDRDM
;
B
3 'polypeptide(L)'
;STVLDSLQHTGRGDKVYWFCYGMKCYYFVMDRKTWSGCKQTCQSSSLSLLKIDDEDELKFLQLVVPSDSCWVGLSYDNKK
KDWAWIDNRPSKLALNTRKYNIRDGGCMLLSKTRLDNGNCDQVFICICGKRLDKFPH
;
C,D
4 'polypeptide(L)' RGPGRAFVTI P
#
loop_
_chem_comp.id
_chem_comp.type
_chem_comp.name
_chem_comp.formula
EDO non-polymer 1,2-ETHANEDIOL 'C2 H6 O2'
#
# COMPACT_ATOMS: atom_id res chain seq x y z
N SER A 2 10.02 -16.99 5.08
CA SER A 2 10.29 -17.05 3.61
C SER A 2 9.56 -15.90 2.88
N HIS A 3 10.16 -15.38 1.82
CA HIS A 3 9.52 -14.30 1.05
C HIS A 3 9.60 -14.62 -0.44
N SER A 4 8.73 -14.00 -1.22
CA SER A 4 8.72 -14.28 -2.65
C SER A 4 8.46 -13.06 -3.54
N LEU A 5 9.03 -13.14 -4.74
CA LEU A 5 8.87 -12.13 -5.77
C LEU A 5 8.45 -12.99 -6.97
N ARG A 6 7.24 -12.78 -7.47
CA ARG A 6 6.76 -13.59 -8.59
C ARG A 6 5.95 -12.79 -9.60
N TYR A 7 6.10 -13.16 -10.87
CA TYR A 7 5.35 -12.52 -11.93
C TYR A 7 4.44 -13.54 -12.61
N PHE A 8 3.17 -13.17 -12.74
CA PHE A 8 2.14 -13.99 -13.35
C PHE A 8 1.76 -13.30 -14.65
N VAL A 9 1.94 -14.03 -15.75
CA VAL A 9 1.68 -13.52 -17.09
C VAL A 9 0.62 -14.31 -17.84
N THR A 10 -0.23 -13.60 -18.58
CA THR A 10 -1.31 -14.22 -19.35
C THR A 10 -1.44 -13.62 -20.77
N ALA A 11 -1.61 -14.49 -21.75
CA ALA A 11 -1.79 -14.07 -23.14
C ALA A 11 -2.99 -14.83 -23.70
N VAL A 12 -4.02 -14.09 -24.06
CA VAL A 12 -5.24 -14.70 -24.59
C VAL A 12 -5.50 -14.24 -26.02
N SER A 13 -5.58 -15.19 -26.94
CA SER A 13 -5.81 -14.87 -28.32
C SER A 13 -7.29 -14.59 -28.59
N ARG A 14 -7.55 -13.93 -29.69
CA ARG A 14 -8.91 -13.60 -30.13
C ARG A 14 -8.73 -13.36 -31.63
N PRO A 15 -8.33 -14.43 -32.35
CA PRO A 15 -8.08 -14.41 -33.79
C PRO A 15 -9.17 -13.70 -34.60
N GLY A 16 -8.74 -12.82 -35.49
CA GLY A 16 -9.68 -12.09 -36.33
C GLY A 16 -10.34 -10.90 -35.63
N PHE A 17 -10.14 -10.80 -34.31
CA PHE A 17 -10.74 -9.71 -33.56
C PHE A 17 -9.74 -8.85 -32.80
N GLY A 18 -8.46 -8.95 -33.16
CA GLY A 18 -7.43 -8.16 -32.50
C GLY A 18 -6.24 -8.95 -32.03
N GLU A 19 -5.21 -8.24 -31.56
CA GLU A 19 -4.02 -8.91 -31.06
C GLU A 19 -4.36 -9.55 -29.71
N PRO A 20 -3.58 -10.56 -29.31
CA PRO A 20 -3.84 -11.22 -28.03
C PRO A 20 -3.84 -10.23 -26.86
N ARG A 21 -4.70 -10.48 -25.87
CA ARG A 21 -4.73 -9.63 -24.68
C ARG A 21 -3.54 -10.12 -23.89
N TYR A 22 -2.70 -9.20 -23.44
CA TYR A 22 -1.49 -9.56 -22.71
C TYR A 22 -1.42 -8.83 -21.36
N MET A 23 -1.08 -9.58 -20.31
CA MET A 23 -1.02 -9.03 -18.96
C MET A 23 0.17 -9.59 -18.17
N GLU A 24 0.73 -8.76 -17.29
CA GLU A 24 1.83 -9.17 -16.41
C GLU A 24 1.52 -8.58 -15.05
N VAL A 25 1.64 -9.39 -14.00
CA VAL A 25 1.37 -8.90 -12.65
C VAL A 25 2.46 -9.38 -11.72
N GLY A 26 3.12 -8.44 -11.07
CA GLY A 26 4.18 -8.80 -10.15
C GLY A 26 3.68 -8.77 -8.72
N TYR A 27 4.13 -9.74 -7.92
CA TYR A 27 3.75 -9.82 -6.52
C TYR A 27 4.95 -10.06 -5.62
N VAL A 28 4.90 -9.46 -4.44
CA VAL A 28 5.91 -9.68 -3.41
C VAL A 28 5.04 -10.30 -2.31
N ASP A 29 5.32 -11.52 -1.91
CA ASP A 29 4.54 -12.20 -0.87
C ASP A 29 3.05 -12.05 -1.08
N ASN A 30 2.54 -12.40 -2.26
CA ASN A 30 1.11 -12.30 -2.51
C ASN A 30 0.50 -10.90 -2.58
N THR A 31 1.33 -9.87 -2.48
CA THR A 31 0.85 -8.49 -2.59
C THR A 31 1.17 -7.98 -4.00
N GLU A 32 0.15 -7.59 -4.75
CA GLU A 32 0.36 -7.07 -6.11
C GLU A 32 1.02 -5.71 -6.03
N PHE A 33 2.10 -5.48 -6.78
CA PHE A 33 2.75 -4.16 -6.73
C PHE A 33 2.97 -3.51 -8.10
N VAL A 34 2.94 -4.31 -9.14
CA VAL A 34 3.10 -3.80 -10.50
C VAL A 34 2.22 -4.60 -11.45
N ARG A 35 1.75 -3.94 -12.50
CA ARG A 35 0.91 -4.58 -13.50
C ARG A 35 1.09 -3.89 -14.85
N PHE A 36 1.03 -4.69 -15.91
CA PHE A 36 1.13 -4.21 -17.28
C PHE A 36 -0.05 -4.81 -18.02
N ASP A 37 -0.86 -3.95 -18.65
CA ASP A 37 -2.04 -4.40 -19.38
C ASP A 37 -1.93 -3.89 -20.81
N SER A 38 -1.89 -4.79 -21.78
CA SER A 38 -1.77 -4.42 -23.20
C SER A 38 -2.96 -3.61 -23.68
N ASP A 39 -4.06 -3.68 -22.96
CA ASP A 39 -5.28 -2.98 -23.35
C ASP A 39 -5.30 -1.49 -22.95
N ALA A 40 -4.60 -0.68 -23.76
CA ALA A 40 -4.49 0.77 -23.58
C ALA A 40 -3.80 1.30 -24.83
N GLU A 41 -3.94 2.59 -25.12
CA GLU A 41 -3.31 3.15 -26.31
C GLU A 41 -1.78 3.08 -26.24
N ASN A 42 -1.23 3.50 -25.10
CA ASN A 42 0.21 3.47 -24.87
C ASN A 42 0.47 2.76 -23.53
N PRO A 43 0.30 1.43 -23.51
CA PRO A 43 0.50 0.64 -22.29
C PRO A 43 1.91 0.69 -21.72
N ARG A 44 1.98 0.69 -20.40
CA ARG A 44 3.26 0.69 -19.71
C ARG A 44 3.03 0.05 -18.36
N TYR A 45 4.11 -0.35 -17.70
CA TYR A 45 3.99 -0.97 -16.38
C TYR A 45 3.53 0.12 -15.43
N GLU A 46 2.59 -0.21 -14.55
CA GLU A 46 2.09 0.77 -13.61
C GLU A 46 2.24 0.32 -12.17
N PRO A 47 2.45 1.27 -11.24
CA PRO A 47 2.60 0.93 -9.82
C PRO A 47 1.25 0.48 -9.26
N ARG A 48 1.25 -0.49 -8.35
CA ARG A 48 0.02 -1.00 -7.75
C ARG A 48 0.05 -0.95 -6.21
N ALA A 49 1.23 -0.66 -5.68
CA ALA A 49 1.40 -0.54 -4.23
C ALA A 49 2.10 0.79 -4.04
N ARG A 50 1.84 1.45 -2.93
CA ARG A 50 2.46 2.76 -2.72
C ARG A 50 3.99 2.68 -2.58
N TRP A 51 4.49 1.56 -2.06
CA TRP A 51 5.93 1.42 -1.88
C TRP A 51 6.76 1.20 -3.14
N ILE A 52 6.13 1.08 -4.30
CA ILE A 52 6.89 0.91 -5.53
C ILE A 52 6.97 2.23 -6.29
N GLU A 53 6.21 3.23 -5.84
CA GLU A 53 6.20 4.54 -6.51
C GLU A 53 7.51 5.31 -6.41
N GLN A 54 8.38 4.90 -5.50
CA GLN A 54 9.66 5.57 -5.34
C GLN A 54 10.69 5.08 -6.38
N GLU A 55 10.27 4.14 -7.23
CA GLU A 55 11.16 3.66 -8.28
C GLU A 55 11.21 4.76 -9.35
N GLY A 56 12.42 5.11 -9.80
CA GLY A 56 12.57 6.16 -10.79
C GLY A 56 12.04 5.86 -12.19
N PRO A 57 11.97 6.87 -13.07
CA PRO A 57 11.47 6.70 -14.44
C PRO A 57 12.18 5.62 -15.26
N GLU A 58 13.50 5.51 -15.10
CA GLU A 58 14.31 4.51 -15.81
C GLU A 58 13.73 3.11 -15.56
N TYR A 59 13.43 2.82 -14.29
CA TYR A 59 12.87 1.55 -13.90
C TYR A 59 11.58 1.25 -14.64
N TRP A 60 10.69 2.24 -14.72
CA TRP A 60 9.42 2.03 -15.38
C TRP A 60 9.53 1.85 -16.89
N GLU A 61 10.42 2.61 -17.53
CA GLU A 61 10.56 2.47 -18.98
C GLU A 61 11.22 1.12 -19.31
N ARG A 62 12.16 0.71 -18.47
CA ARG A 62 12.86 -0.55 -18.65
C ARG A 62 11.91 -1.74 -18.54
N GLU A 63 11.06 -1.76 -17.51
CA GLU A 63 10.10 -2.84 -17.32
C GLU A 63 9.02 -2.82 -18.40
N THR A 64 8.67 -1.64 -18.88
CA THR A 64 7.68 -1.53 -19.93
C THR A 64 8.27 -2.13 -21.20
N ARG A 65 9.55 -1.90 -21.45
CA ARG A 65 10.22 -2.46 -22.62
C ARG A 65 10.29 -3.98 -22.48
N ARG A 66 10.54 -4.48 -21.27
CA ARG A 66 10.63 -5.92 -21.02
C ARG A 66 9.29 -6.59 -21.30
N ALA A 67 8.23 -5.96 -20.78
CA ALA A 67 6.87 -6.47 -20.95
C ALA A 67 6.45 -6.54 -22.43
N LYS A 68 6.81 -5.51 -23.20
CA LYS A 68 6.45 -5.48 -24.61
C LYS A 68 7.25 -6.53 -25.36
N GLY A 69 8.50 -6.72 -24.95
CA GLY A 69 9.34 -7.73 -25.57
C GLY A 69 8.71 -9.08 -25.28
N ASN A 70 8.30 -9.27 -24.03
CA ASN A 70 7.65 -10.52 -23.63
C ASN A 70 6.36 -10.73 -24.40
N GLU A 71 5.60 -9.66 -24.60
CA GLU A 71 4.33 -9.76 -25.33
C GLU A 71 4.54 -10.30 -26.74
N GLN A 72 5.63 -9.89 -27.38
CA GLN A 72 5.94 -10.38 -28.72
C GLN A 72 6.22 -11.89 -28.75
N SER A 73 7.01 -12.38 -27.79
CA SER A 73 7.29 -13.82 -27.73
C SER A 73 6.01 -14.63 -27.57
N PHE A 74 5.09 -14.13 -26.73
CA PHE A 74 3.82 -14.83 -26.50
C PHE A 74 2.92 -14.88 -27.73
N ARG A 75 2.94 -13.81 -28.53
CA ARG A 75 2.14 -13.81 -29.75
C ARG A 75 2.63 -14.96 -30.63
N VAL A 76 3.95 -15.09 -30.73
CA VAL A 76 4.54 -16.16 -31.51
C VAL A 76 4.22 -17.51 -30.90
N ASP A 77 4.26 -17.59 -29.57
CA ASP A 77 3.98 -18.83 -28.88
C ASP A 77 2.56 -19.32 -29.16
N LEU A 78 1.61 -18.39 -29.11
CA LEU A 78 0.22 -18.71 -29.38
C LEU A 78 0.08 -19.31 -30.79
N ARG A 79 0.83 -18.78 -31.75
CA ARG A 79 0.75 -19.30 -33.11
C ARG A 79 1.37 -20.69 -33.18
N THR A 80 2.54 -20.84 -32.56
CA THR A 80 3.24 -22.10 -32.54
C THR A 80 2.38 -23.21 -31.91
N ALA A 81 1.72 -22.88 -30.80
CA ALA A 81 0.86 -23.83 -30.09
C ALA A 81 -0.25 -24.38 -30.99
N LEU A 82 -0.78 -23.53 -31.88
CA LEU A 82 -1.85 -23.97 -32.77
C LEU A 82 -1.34 -25.08 -33.69
N ARG A 83 -0.10 -24.95 -34.15
CA ARG A 83 0.47 -25.97 -35.02
C ARG A 83 0.83 -27.22 -34.22
N TYR A 84 1.45 -27.03 -33.06
CA TYR A 84 1.81 -28.18 -32.23
C TYR A 84 0.59 -29.06 -31.98
N TYR A 85 -0.54 -28.42 -31.72
CA TYR A 85 -1.78 -29.11 -31.42
C TYR A 85 -2.77 -29.25 -32.57
N ASN A 86 -2.34 -28.87 -33.77
CA ASN A 86 -3.19 -29.00 -34.94
C ASN A 86 -4.55 -28.35 -34.72
N GLN A 87 -4.60 -27.17 -34.11
CA GLN A 87 -5.87 -26.50 -33.86
C GLN A 87 -6.17 -25.44 -34.90
N SER A 88 -7.46 -25.12 -35.07
CA SER A 88 -7.84 -24.12 -36.05
C SER A 88 -7.51 -22.73 -35.56
N ALA A 89 -7.32 -21.82 -36.50
CA ALA A 89 -6.98 -20.45 -36.16
C ALA A 89 -8.17 -19.66 -35.64
N GLY A 90 -9.32 -20.31 -35.50
CA GLY A 90 -10.51 -19.59 -35.07
C GLY A 90 -10.85 -19.45 -33.59
N GLY A 91 -10.46 -20.41 -32.77
CA GLY A 91 -10.79 -20.32 -31.35
C GLY A 91 -9.82 -19.50 -30.51
N SER A 92 -10.29 -19.08 -29.34
CA SER A 92 -9.45 -18.33 -28.41
C SER A 92 -8.64 -19.33 -27.59
N HIS A 93 -7.39 -19.01 -27.32
CA HIS A 93 -6.54 -19.88 -26.51
C HIS A 93 -5.82 -19.06 -25.46
N THR A 94 -5.46 -19.72 -24.35
CA THR A 94 -4.78 -19.07 -23.24
C THR A 94 -3.41 -19.67 -22.94
N LEU A 95 -2.42 -18.80 -22.85
CA LEU A 95 -1.07 -19.25 -22.53
C LEU A 95 -0.65 -18.44 -21.29
N GLN A 96 -0.22 -19.15 -20.25
CA GLN A 96 0.19 -18.51 -19.02
C GLN A 96 1.62 -18.85 -18.63
N TRP A 97 2.22 -17.97 -17.85
CA TRP A 97 3.58 -18.11 -17.39
C TRP A 97 3.73 -17.53 -15.99
N MET A 98 4.52 -18.19 -15.15
CA MET A 98 4.77 -17.68 -13.82
C MET A 98 6.23 -17.95 -13.52
N ALA A 99 6.95 -16.91 -13.14
CA ALA A 99 8.37 -17.06 -12.81
C ALA A 99 8.64 -16.22 -11.58
N GLY A 100 9.55 -16.68 -10.76
CA GLY A 100 9.87 -15.94 -9.55
C GLY A 100 10.69 -16.75 -8.58
N CYS A 101 10.96 -16.15 -7.43
CA CYS A 101 11.79 -16.77 -6.42
C CYS A 101 11.23 -16.72 -5.00
N ASP A 102 11.48 -17.79 -4.26
CA ASP A 102 11.08 -17.90 -2.86
C ASP A 102 12.42 -17.92 -2.13
N VAL A 103 12.68 -16.91 -1.31
CA VAL A 103 13.95 -16.82 -0.61
C VAL A 103 13.83 -16.89 0.91
N GLU A 104 14.61 -17.79 1.50
CA GLU A 104 14.64 -18.00 2.94
C GLU A 104 15.08 -16.73 3.67
N SER A 105 14.76 -16.65 4.95
CA SER A 105 15.12 -15.50 5.78
C SER A 105 16.61 -15.17 5.65
N ASP A 106 17.42 -16.20 5.42
CA ASP A 106 18.87 -16.07 5.29
C ASP A 106 19.34 -15.41 4.00
N GLY A 107 18.53 -15.50 2.95
CA GLY A 107 18.91 -14.92 1.67
C GLY A 107 19.18 -16.00 0.66
N ARG A 108 19.00 -17.24 1.08
CA ARG A 108 19.22 -18.42 0.25
C ARG A 108 17.96 -18.71 -0.58
N LEU A 109 18.13 -19.06 -1.85
CA LEU A 109 16.99 -19.36 -2.72
C LEU A 109 16.33 -20.68 -2.34
N LEU A 110 15.14 -20.60 -1.76
CA LEU A 110 14.42 -21.79 -1.37
C LEU A 110 13.85 -22.52 -2.57
N ARG A 111 13.30 -21.77 -3.51
CA ARG A 111 12.71 -22.38 -4.68
C ARG A 111 12.53 -21.37 -5.81
N GLY A 112 12.81 -21.83 -7.03
CA GLY A 112 12.67 -20.96 -8.18
C GLY A 112 11.52 -21.48 -9.03
N TYR A 113 10.93 -20.60 -9.83
CA TYR A 113 9.83 -20.97 -10.70
C TYR A 113 10.00 -20.38 -12.10
N TRP A 114 9.69 -21.18 -13.10
CA TRP A 114 9.73 -20.74 -14.51
C TRP A 114 8.92 -21.80 -15.22
N GLN A 115 7.59 -21.62 -15.18
CA GLN A 115 6.66 -22.59 -15.74
C GLN A 115 5.57 -22.02 -16.63
N PHE A 116 5.00 -22.87 -17.48
CA PHE A 116 3.95 -22.45 -18.42
C PHE A 116 2.73 -23.37 -18.45
N ALA A 117 1.62 -22.84 -18.94
CA ALA A 117 0.38 -23.59 -19.08
C ALA A 117 -0.31 -23.16 -20.36
N TYR A 118 -1.00 -24.09 -21.00
CA TYR A 118 -1.73 -23.82 -22.23
C TYR A 118 -3.15 -24.31 -21.99
N ASP A 119 -4.11 -23.46 -22.32
CA ASP A 119 -5.52 -23.75 -22.14
C ASP A 119 -5.92 -24.40 -20.81
N GLY A 120 -5.39 -23.86 -19.71
CA GLY A 120 -5.78 -24.36 -18.40
C GLY A 120 -4.98 -25.46 -17.72
N CYS A 121 -3.96 -25.99 -18.36
CA CYS A 121 -3.19 -27.03 -17.71
C CYS A 121 -1.70 -26.95 -18.01
N ASP A 122 -0.92 -27.50 -17.10
CA ASP A 122 0.53 -27.52 -17.22
C ASP A 122 0.96 -27.82 -18.64
N TYR A 123 1.94 -27.06 -19.12
CA TYR A 123 2.50 -27.29 -20.44
C TYR A 123 3.95 -27.72 -20.19
N ILE A 124 4.72 -26.86 -19.52
CA ILE A 124 6.12 -27.18 -19.22
C ILE A 124 6.58 -26.45 -17.95
N ALA A 125 7.57 -27.01 -17.24
CA ALA A 125 8.06 -26.38 -16.02
C ALA A 125 9.53 -26.65 -15.76
N LEU A 126 10.27 -25.61 -15.40
CA LEU A 126 11.67 -25.75 -15.08
C LEU A 126 11.67 -26.54 -13.77
N ASN A 127 12.50 -27.59 -13.70
CA ASN A 127 12.55 -28.40 -12.49
C ASN A 127 13.35 -27.70 -11.40
N GLU A 128 13.23 -28.18 -10.16
CA GLU A 128 13.92 -27.57 -9.04
C GLU A 128 15.44 -27.53 -9.18
N ASP A 129 16.00 -28.41 -10.02
CA ASP A 129 17.45 -28.40 -10.22
C ASP A 129 17.82 -27.16 -11.05
N LEU A 130 16.79 -26.48 -11.56
CA LEU A 130 16.96 -25.28 -12.37
C LEU A 130 17.81 -25.52 -13.60
N LYS A 131 17.82 -26.77 -14.06
CA LYS A 131 18.59 -27.16 -15.23
C LYS A 131 17.76 -27.92 -16.27
N THR A 132 16.89 -28.80 -15.80
CA THR A 132 16.06 -29.60 -16.71
C THR A 132 14.58 -29.22 -16.64
N TRP A 133 13.83 -29.67 -17.64
CA TRP A 133 12.41 -29.36 -17.70
C TRP A 133 11.53 -30.59 -17.67
N THR A 134 10.29 -30.41 -17.23
CA THR A 134 9.31 -31.49 -17.22
C THR A 134 8.19 -31.00 -18.14
N ALA A 135 7.98 -31.75 -19.22
CA ALA A 135 6.95 -31.43 -20.21
C ALA A 135 5.68 -32.21 -19.94
N ALA A 136 4.53 -31.60 -20.21
CA ALA A 136 3.23 -32.26 -19.96
C ALA A 136 2.80 -33.29 -21.02
N ASP A 137 3.27 -33.12 -22.26
CA ASP A 137 2.91 -34.01 -23.37
C ASP A 137 4.00 -33.96 -24.46
N MET A 138 3.79 -34.71 -25.54
CA MET A 138 4.77 -34.72 -26.61
C MET A 138 4.94 -33.36 -27.31
N ALA A 139 3.88 -32.56 -27.33
CA ALA A 139 4.01 -31.23 -27.92
C ALA A 139 5.04 -30.47 -27.09
N ALA A 140 4.82 -30.40 -25.78
CA ALA A 140 5.74 -29.71 -24.86
C ALA A 140 7.13 -30.35 -24.89
N GLN A 141 7.21 -31.61 -25.29
CA GLN A 141 8.51 -32.28 -25.38
C GLN A 141 9.30 -31.61 -26.51
N ILE A 142 8.60 -31.18 -27.53
CA ILE A 142 9.23 -30.49 -28.66
C ILE A 142 9.90 -29.25 -28.09
N THR A 143 9.17 -28.51 -27.26
CA THR A 143 9.70 -27.30 -26.63
C THR A 143 10.89 -27.66 -25.75
N ARG A 144 10.75 -28.71 -24.96
CA ARG A 144 11.83 -29.14 -24.07
C ARG A 144 13.11 -29.42 -24.83
N ARG A 145 13.02 -30.24 -25.86
CA ARG A 145 14.22 -30.57 -26.63
C ARG A 145 14.84 -29.28 -27.16
N LYS A 146 14.00 -28.39 -27.66
CA LYS A 146 14.47 -27.11 -28.18
C LYS A 146 15.22 -26.30 -27.11
N TRP A 147 14.62 -26.20 -25.93
CA TRP A 147 15.22 -25.43 -24.84
C TRP A 147 16.47 -26.06 -24.24
N GLU A 148 16.47 -27.38 -24.12
CA GLU A 148 17.65 -28.05 -23.57
C GLU A 148 18.81 -27.86 -24.56
N GLN A 149 18.55 -28.10 -25.84
CA GLN A 149 19.61 -27.92 -26.84
C GLN A 149 20.17 -26.51 -26.87
N ALA A 150 19.31 -25.52 -26.61
CA ALA A 150 19.76 -24.14 -26.61
C ALA A 150 20.28 -23.72 -25.24
N GLY A 151 20.08 -24.58 -24.24
CA GLY A 151 20.55 -24.25 -22.91
C GLY A 151 19.85 -23.00 -22.37
N ALA A 152 18.53 -22.91 -22.59
CA ALA A 152 17.78 -21.75 -22.13
C ALA A 152 17.69 -21.71 -20.60
N ALA A 153 17.77 -22.88 -19.97
CA ALA A 153 17.67 -22.96 -18.52
C ALA A 153 18.72 -22.13 -17.79
N GLU A 154 19.94 -22.08 -18.31
CA GLU A 154 21.00 -21.31 -17.66
C GLU A 154 20.64 -19.85 -17.52
N ARG A 155 20.05 -19.28 -18.57
CA ARG A 155 19.64 -17.89 -18.55
C ARG A 155 18.53 -17.69 -17.51
N ASP A 156 17.58 -18.61 -17.46
CA ASP A 156 16.47 -18.50 -16.51
C ASP A 156 16.96 -18.63 -15.07
N ARG A 157 17.87 -19.57 -14.84
CA ARG A 157 18.42 -19.80 -13.51
C ARG A 157 19.19 -18.56 -13.01
N ALA A 158 19.91 -17.91 -13.91
CA ALA A 158 20.69 -16.73 -13.57
C ALA A 158 19.78 -15.64 -12.99
N TYR A 159 18.59 -15.51 -13.58
CA TYR A 159 17.63 -14.52 -13.12
C TYR A 159 17.05 -14.93 -11.77
N LEU A 160 16.66 -16.19 -11.66
CA LEU A 160 16.06 -16.70 -10.43
C LEU A 160 16.96 -16.60 -9.21
N GLU A 161 18.25 -16.90 -9.38
CA GLU A 161 19.22 -16.86 -8.26
C GLU A 161 19.88 -15.49 -8.07
N GLY A 162 19.84 -14.64 -9.09
CA GLY A 162 20.48 -13.35 -8.96
C GLY A 162 19.55 -12.16 -8.87
N GLU A 163 19.15 -11.64 -10.02
CA GLU A 163 18.26 -10.49 -10.08
C GLU A 163 16.98 -10.66 -9.26
N CYS A 164 16.29 -11.79 -9.41
CA CYS A 164 15.06 -12.01 -8.67
C CYS A 164 15.30 -11.87 -7.16
N VAL A 165 16.35 -12.51 -6.67
CA VAL A 165 16.70 -12.47 -5.25
C VAL A 165 17.11 -11.05 -4.82
N GLU A 166 17.94 -10.40 -5.62
CA GLU A 166 18.40 -9.06 -5.30
C GLU A 166 17.27 -8.06 -5.19
N TRP A 167 16.34 -8.11 -6.14
CA TRP A 167 15.24 -7.17 -6.12
C TRP A 167 14.19 -7.49 -5.06
N LEU A 168 14.04 -8.77 -4.71
CA LEU A 168 13.08 -9.10 -3.67
C LEU A 168 13.55 -8.42 -2.39
N ARG A 169 14.84 -8.53 -2.11
CA ARG A 169 15.43 -7.89 -0.92
C ARG A 169 15.18 -6.38 -0.98
N ARG A 170 15.39 -5.80 -2.16
CA ARG A 170 15.18 -4.36 -2.34
C ARG A 170 13.72 -4.02 -2.06
N TYR A 171 12.80 -4.76 -2.67
CA TYR A 171 11.37 -4.53 -2.47
C TYR A 171 10.98 -4.62 -0.99
N LEU A 172 11.44 -5.66 -0.30
CA LEU A 172 11.13 -5.82 1.12
C LEU A 172 11.56 -4.60 1.95
N LYS A 173 12.55 -3.84 1.47
CA LYS A 173 12.97 -2.64 2.19
C LYS A 173 12.04 -1.49 1.78
N ASN A 174 11.77 -1.37 0.48
CA ASN A 174 10.87 -0.35 -0.05
C ASN A 174 9.54 -0.38 0.71
N GLY A 175 8.99 -1.58 0.88
CA GLY A 175 7.71 -1.70 1.55
C GLY A 175 7.70 -2.23 2.97
N ASN A 176 8.81 -2.05 3.67
CA ASN A 176 8.91 -2.53 5.04
C ASN A 176 7.66 -2.23 5.85
N ALA A 177 7.19 -1.00 5.75
CA ALA A 177 6.02 -0.53 6.48
C ALA A 177 4.73 -1.34 6.33
N THR A 178 4.40 -1.78 5.11
CA THR A 178 3.15 -2.51 4.90
C THR A 178 3.21 -3.97 4.45
N LEU A 179 4.36 -4.43 3.94
CA LEU A 179 4.44 -5.82 3.48
C LEU A 179 4.42 -6.84 4.61
N LEU A 180 4.68 -6.39 5.83
CA LEU A 180 4.71 -7.29 6.97
C LEU A 180 3.58 -6.94 7.96
N ARG A 181 2.56 -6.24 7.49
CA ARG A 181 1.45 -5.85 8.35
C ARG A 181 0.64 -7.05 8.81
N THR A 182 0.07 -6.93 10.01
CA THR A 182 -0.76 -7.98 10.57
C THR A 182 -1.99 -7.37 11.24
N ASP A 183 -3.12 -7.47 10.56
CA ASP A 183 -4.39 -6.95 11.07
C ASP A 183 -5.10 -8.13 11.75
N PRO A 184 -5.26 -8.07 13.08
CA PRO A 184 -5.93 -9.14 13.83
C PRO A 184 -7.40 -9.27 13.43
N PRO A 185 -7.95 -10.48 13.54
CA PRO A 185 -9.36 -10.69 13.19
C PRO A 185 -10.36 -10.16 14.22
N LYS A 186 -11.42 -9.53 13.74
CA LYS A 186 -12.48 -9.04 14.61
C LYS A 186 -13.44 -10.24 14.58
N ALA A 187 -13.42 -11.04 15.64
CA ALA A 187 -14.23 -12.22 15.71
C ALA A 187 -15.47 -12.15 16.61
N HIS A 188 -16.53 -12.85 16.19
CA HIS A 188 -17.77 -12.92 16.96
C HIS A 188 -18.49 -14.22 16.61
N VAL A 189 -19.45 -14.62 17.46
CA VAL A 189 -20.18 -15.86 17.21
C VAL A 189 -21.67 -15.65 17.02
N THR A 190 -22.22 -16.25 15.97
CA THR A 190 -23.64 -16.12 15.69
C THR A 190 -24.34 -17.43 16.03
N HIS A 191 -25.59 -17.31 16.44
CA HIS A 191 -26.40 -18.46 16.83
C HIS A 191 -27.60 -18.56 15.91
N HIS A 192 -27.74 -19.70 15.25
CA HIS A 192 -28.84 -19.93 14.33
C HIS A 192 -29.57 -21.22 14.71
N ARG A 193 -30.88 -21.13 14.93
CA ARG A 193 -31.65 -22.33 15.27
C ARG A 193 -32.23 -22.86 13.95
N ARG A 194 -31.96 -24.12 13.66
CA ARG A 194 -32.43 -24.74 12.42
C ARG A 194 -33.68 -25.62 12.59
N PRO A 195 -34.37 -25.93 11.47
CA PRO A 195 -35.58 -26.76 11.49
C PRO A 195 -35.35 -28.14 12.08
N GLU A 196 -34.11 -28.63 11.99
CA GLU A 196 -33.75 -29.94 12.51
C GLU A 196 -33.93 -30.04 14.02
N GLY A 197 -34.07 -28.90 14.68
CA GLY A 197 -34.26 -28.89 16.12
C GLY A 197 -33.05 -28.47 16.93
N ASP A 198 -31.86 -28.59 16.34
CA ASP A 198 -30.61 -28.23 17.01
C ASP A 198 -30.21 -26.80 16.64
N VAL A 199 -28.94 -26.48 16.84
CA VAL A 199 -28.45 -25.14 16.54
C VAL A 199 -27.10 -25.09 15.82
N THR A 200 -26.97 -24.14 14.91
CA THR A 200 -25.74 -23.94 14.16
C THR A 200 -24.96 -22.80 14.81
N LEU A 201 -23.79 -23.11 15.36
CA LEU A 201 -22.95 -22.07 15.96
C LEU A 201 -21.89 -21.70 14.92
N ARG A 202 -21.93 -20.46 14.46
CA ARG A 202 -20.96 -20.01 13.45
C ARG A 202 -19.96 -18.99 14.00
N CYS A 203 -18.68 -19.34 13.90
CA CYS A 203 -17.60 -18.48 14.37
C CYS A 203 -17.08 -17.63 13.22
N TRP A 204 -17.19 -16.31 13.36
CA TRP A 204 -16.75 -15.38 12.31
C TRP A 204 -15.44 -14.68 12.62
N ALA A 205 -14.67 -14.42 11.56
CA ALA A 205 -13.40 -13.71 11.66
C ALA A 205 -13.42 -12.69 10.52
N LEU A 206 -13.42 -11.41 10.86
CA LEU A 206 -13.46 -10.37 9.85
C LEU A 206 -12.26 -9.42 9.88
N GLY A 207 -12.06 -8.72 8.76
CA GLY A 207 -11.00 -7.75 8.62
C GLY A 207 -9.60 -8.07 9.11
N PHE A 208 -9.10 -9.25 8.79
CA PHE A 208 -7.75 -9.61 9.20
C PHE A 208 -6.81 -9.67 8.00
N TYR A 209 -5.51 -9.69 8.26
CA TYR A 209 -4.49 -9.72 7.22
C TYR A 209 -3.17 -10.14 7.87
N PRO A 210 -2.43 -11.08 7.27
CA PRO A 210 -2.58 -11.84 6.02
C PRO A 210 -3.82 -12.75 6.05
N ALA A 211 -4.04 -13.46 4.94
CA ALA A 211 -5.18 -14.37 4.83
C ALA A 211 -5.05 -15.62 5.70
N ASP A 212 -3.83 -16.06 5.95
CA ASP A 212 -3.60 -17.25 6.78
C ASP A 212 -4.28 -17.12 8.13
N ILE A 213 -5.00 -18.17 8.53
CA ILE A 213 -5.71 -18.17 9.80
C ILE A 213 -6.22 -19.58 10.15
N THR A 214 -6.36 -19.87 11.43
CA THR A 214 -6.85 -21.17 11.87
C THR A 214 -8.03 -21.03 12.81
N LEU A 215 -9.22 -21.40 12.33
CA LEU A 215 -10.44 -21.34 13.13
C LEU A 215 -10.81 -22.76 13.53
N THR A 216 -11.00 -22.99 14.82
CA THR A 216 -11.37 -24.31 15.29
C THR A 216 -12.40 -24.24 16.41
N TRP A 217 -13.18 -25.29 16.52
CA TRP A 217 -14.19 -25.40 17.56
C TRP A 217 -13.77 -26.52 18.51
N GLN A 218 -14.15 -26.38 19.77
CA GLN A 218 -13.81 -27.38 20.79
C GLN A 218 -15.03 -27.67 21.66
N LEU A 219 -15.10 -28.89 22.18
CA LEU A 219 -16.20 -29.32 23.04
C LEU A 219 -15.67 -29.56 24.45
N ASN A 220 -16.04 -28.66 25.36
CA ASN A 220 -15.59 -28.73 26.74
C ASN A 220 -14.06 -28.76 26.73
N GLY A 221 -13.48 -27.96 25.83
CA GLY A 221 -12.04 -27.88 25.70
C GLY A 221 -11.42 -29.13 25.12
N GLU A 222 -11.89 -29.58 23.96
CA GLU A 222 -11.35 -30.77 23.34
C GLU A 222 -11.34 -30.79 21.82
N GLU A 223 -10.67 -31.81 21.29
CA GLU A 223 -10.50 -32.08 19.87
C GLU A 223 -11.81 -32.13 19.08
N LEU A 224 -12.53 -31.02 18.99
CA LEU A 224 -13.81 -31.03 18.27
C LEU A 224 -13.61 -31.01 16.75
N THR A 225 -12.69 -31.84 16.27
CA THR A 225 -12.42 -31.93 14.84
C THR A 225 -13.54 -32.70 14.16
N GLN A 226 -14.46 -33.25 14.97
CA GLN A 226 -15.59 -34.02 14.47
C GLN A 226 -16.43 -33.28 13.45
N GLU A 227 -15.92 -33.25 12.21
CA GLU A 227 -16.58 -32.59 11.08
C GLU A 227 -17.22 -31.24 11.42
N MET A 228 -16.52 -30.17 11.07
CA MET A 228 -17.04 -28.83 11.28
C MET A 228 -17.18 -28.22 9.88
N GLU A 229 -18.06 -27.24 9.73
CA GLU A 229 -18.29 -26.62 8.44
C GLU A 229 -17.54 -25.29 8.34
N LEU A 230 -16.90 -25.04 7.20
CA LEU A 230 -16.19 -23.79 6.99
C LEU A 230 -16.21 -23.34 5.54
N VAL A 231 -15.75 -22.11 5.31
CA VAL A 231 -15.70 -21.57 3.97
C VAL A 231 -14.28 -21.12 3.64
N GLU A 232 -14.02 -20.99 2.34
CA GLU A 232 -12.72 -20.57 1.86
C GLU A 232 -12.51 -19.13 2.30
N THR A 233 -11.30 -18.82 2.74
CA THR A 233 -10.97 -17.46 3.17
C THR A 233 -11.27 -16.54 1.99
N ARG A 234 -12.00 -15.48 2.25
CA ARG A 234 -12.41 -14.56 1.19
C ARG A 234 -12.04 -13.09 1.41
N PRO A 235 -11.69 -12.39 0.31
CA PRO A 235 -11.29 -10.99 0.29
C PRO A 235 -12.39 -9.94 0.34
N ALA A 236 -11.95 -8.72 0.65
CA ALA A 236 -12.78 -7.54 0.75
C ALA A 236 -12.14 -6.46 -0.10
N GLY A 237 -12.93 -5.49 -0.54
CA GLY A 237 -12.40 -4.41 -1.35
C GLY A 237 -11.15 -3.79 -0.75
N ASP A 238 -11.14 -3.60 0.57
CA ASP A 238 -9.98 -2.97 1.21
C ASP A 238 -8.76 -3.87 1.43
N GLY A 239 -8.80 -5.10 0.94
CA GLY A 239 -7.64 -5.97 1.10
C GLY A 239 -7.62 -6.90 2.30
N THR A 240 -8.53 -6.73 3.24
CA THR A 240 -8.57 -7.61 4.41
C THR A 240 -9.30 -8.89 4.01
N PHE A 241 -9.29 -9.88 4.90
CA PHE A 241 -9.95 -11.14 4.61
C PHE A 241 -11.06 -11.48 5.59
N GLN A 242 -11.78 -12.56 5.29
CA GLN A 242 -12.90 -12.98 6.11
C GLN A 242 -13.00 -14.50 6.05
N LYS A 243 -13.59 -15.10 7.09
CA LYS A 243 -13.76 -16.55 7.14
C LYS A 243 -14.65 -16.95 8.30
N TRP A 244 -15.28 -18.12 8.20
CA TRP A 244 -16.11 -18.62 9.28
C TRP A 244 -16.07 -20.13 9.35
N ALA A 245 -16.40 -20.65 10.53
CA ALA A 245 -16.44 -22.09 10.78
C ALA A 245 -17.59 -22.35 11.75
N SER A 246 -18.41 -23.35 11.43
CA SER A 246 -19.53 -23.66 12.28
C SER A 246 -19.66 -25.15 12.59
N VAL A 247 -20.47 -25.44 13.59
CA VAL A 247 -20.76 -26.80 14.04
C VAL A 247 -22.19 -26.81 14.58
N VAL A 248 -22.84 -27.96 14.49
CA VAL A 248 -24.20 -28.12 14.98
C VAL A 248 -24.15 -28.56 16.43
N VAL A 249 -25.02 -27.98 17.26
CA VAL A 249 -25.05 -28.33 18.67
C VAL A 249 -26.48 -28.43 19.20
N PRO A 250 -26.70 -29.32 20.18
CA PRO A 250 -28.03 -29.52 20.78
C PRO A 250 -28.50 -28.23 21.47
N LEU A 251 -29.73 -27.82 21.17
CA LEU A 251 -30.28 -26.61 21.78
C LEU A 251 -30.24 -26.73 23.30
N GLY A 252 -29.55 -25.79 23.94
CA GLY A 252 -29.48 -25.83 25.40
C GLY A 252 -28.10 -26.06 25.98
N LYS A 253 -27.14 -26.46 25.15
CA LYS A 253 -25.78 -26.70 25.63
C LYS A 253 -24.77 -25.94 24.77
N GLU A 254 -25.10 -24.71 24.43
CA GLU A 254 -24.24 -23.87 23.61
C GLU A 254 -22.96 -23.46 24.33
N GLN A 255 -23.07 -23.09 25.59
CA GLN A 255 -21.90 -22.66 26.37
C GLN A 255 -20.85 -23.75 26.53
N LYS A 256 -21.13 -24.93 25.96
CA LYS A 256 -20.19 -26.05 26.06
C LYS A 256 -19.14 -25.95 24.95
N TYR A 257 -19.49 -25.26 23.87
CA TYR A 257 -18.60 -25.10 22.73
C TYR A 257 -17.87 -23.76 22.69
N THR A 258 -16.57 -23.82 22.40
CA THR A 258 -15.74 -22.63 22.31
C THR A 258 -14.98 -22.57 20.98
N CYS A 259 -14.88 -21.38 20.42
CA CYS A 259 -14.17 -21.18 19.16
C CYS A 259 -12.79 -20.62 19.47
N HIS A 260 -11.79 -21.14 18.76
CA HIS A 260 -10.42 -20.68 18.97
C HIS A 260 -9.89 -20.10 17.67
N VAL A 261 -9.45 -18.85 17.74
CA VAL A 261 -8.94 -18.15 16.58
C VAL A 261 -7.44 -17.93 16.67
N GLU A 262 -6.72 -18.43 15.67
CA GLU A 262 -5.27 -18.29 15.61
C GLU A 262 -4.93 -17.40 14.43
N HIS A 263 -4.04 -16.43 14.64
CA HIS A 263 -3.64 -15.52 13.58
C HIS A 263 -2.35 -14.76 13.92
N GLU A 264 -1.55 -14.53 12.89
CA GLU A 264 -0.27 -13.85 13.02
C GLU A 264 -0.35 -12.52 13.75
N GLY A 265 -1.48 -11.83 13.59
CA GLY A 265 -1.66 -10.55 14.23
C GLY A 265 -2.17 -10.65 15.65
N LEU A 266 -2.29 -11.86 16.17
CA LEU A 266 -2.76 -12.06 17.53
C LEU A 266 -1.66 -12.52 18.47
N PRO A 267 -1.22 -11.66 19.40
CA PRO A 267 -0.17 -12.08 20.31
C PRO A 267 -0.62 -13.30 21.10
N GLU A 268 -1.93 -13.40 21.33
CA GLU A 268 -2.52 -14.51 22.04
C GLU A 268 -3.82 -14.94 21.36
N PRO A 269 -3.98 -16.26 21.13
CA PRO A 269 -5.16 -16.82 20.48
C PRO A 269 -6.45 -16.40 21.18
N LEU A 270 -7.53 -16.34 20.42
CA LEU A 270 -8.83 -15.95 20.99
C LEU A 270 -9.70 -17.16 21.30
N THR A 271 -10.59 -16.99 22.26
CA THR A 271 -11.53 -18.02 22.68
C THR A 271 -12.88 -17.33 22.82
N LEU A 272 -13.86 -17.75 22.02
CA LEU A 272 -15.18 -17.14 22.08
C LEU A 272 -16.27 -18.18 22.36
N ARG A 273 -17.33 -17.73 23.03
CA ARG A 273 -18.47 -18.57 23.35
C ARG A 273 -19.71 -17.82 22.88
N TRP A 274 -20.82 -18.54 22.78
CA TRP A 274 -22.07 -17.91 22.35
C TRP A 274 -22.40 -16.77 23.30
N GLY A 275 -21.87 -16.84 24.52
CA GLY A 275 -22.11 -15.82 25.53
C GLY A 275 -22.22 -14.39 25.01
N MET B 1 -6.04 -29.25 -22.86
CA MET B 1 -7.23 -28.36 -22.72
C MET B 1 -8.17 -28.86 -21.62
N ILE B 2 -8.61 -27.92 -20.78
CA ILE B 2 -9.55 -28.23 -19.71
C ILE B 2 -10.27 -26.96 -19.28
N GLN B 3 -11.58 -27.08 -19.04
CA GLN B 3 -12.37 -25.95 -18.59
C GLN B 3 -12.79 -26.26 -17.16
N LYS B 4 -12.71 -25.25 -16.30
CA LYS B 4 -13.05 -25.42 -14.88
C LYS B 4 -14.19 -24.47 -14.48
N THR B 5 -15.17 -25.01 -13.78
CA THR B 5 -16.34 -24.25 -13.34
C THR B 5 -16.03 -23.31 -12.17
N PRO B 6 -16.56 -22.08 -12.21
CA PRO B 6 -16.30 -21.14 -11.12
C PRO B 6 -16.96 -21.46 -9.80
N GLN B 7 -16.21 -21.25 -8.71
CA GLN B 7 -16.70 -21.46 -7.36
C GLN B 7 -17.14 -20.06 -6.96
N ILE B 8 -18.35 -19.95 -6.41
CA ILE B 8 -18.88 -18.64 -6.06
C ILE B 8 -19.28 -18.48 -4.61
N GLN B 9 -19.01 -17.29 -4.06
CA GLN B 9 -19.36 -16.95 -2.69
C GLN B 9 -19.88 -15.53 -2.65
N VAL B 10 -21.01 -15.32 -1.99
CA VAL B 10 -21.59 -13.99 -1.89
C VAL B 10 -21.67 -13.66 -0.40
N TYR B 11 -21.15 -12.50 -0.03
CA TYR B 11 -21.14 -12.08 1.37
C TYR B 11 -21.01 -10.57 1.47
N SER B 12 -21.23 -10.04 2.67
CA SER B 12 -21.12 -8.60 2.89
C SER B 12 -19.81 -8.28 3.63
N ARG B 13 -19.30 -7.06 3.42
CA ARG B 13 -18.06 -6.62 4.05
C ARG B 13 -18.20 -6.56 5.57
N HIS B 14 -19.34 -6.06 6.02
CA HIS B 14 -19.60 -5.92 7.45
C HIS B 14 -20.81 -6.72 7.90
N PRO B 15 -20.89 -7.02 9.21
CA PRO B 15 -22.03 -7.79 9.71
C PRO B 15 -23.26 -7.00 9.27
N PRO B 16 -24.27 -7.68 8.70
CA PRO B 16 -25.45 -6.94 8.24
C PRO B 16 -26.51 -6.54 9.27
N GLU B 17 -27.24 -5.48 8.93
CA GLU B 17 -28.34 -4.97 9.73
C GLU B 17 -29.13 -4.04 8.82
N ASN B 18 -30.38 -4.41 8.58
CA ASN B 18 -31.29 -3.69 7.70
C ASN B 18 -31.21 -2.17 7.77
N GLY B 19 -31.30 -1.54 6.60
CA GLY B 19 -31.24 -0.09 6.53
C GLY B 19 -29.84 0.51 6.60
N LYS B 20 -28.86 -0.29 7.00
CA LYS B 20 -27.48 0.21 7.13
C LYS B 20 -26.63 -0.10 5.91
N PRO B 21 -26.27 0.94 5.13
CA PRO B 21 -25.43 0.76 3.93
C PRO B 21 -24.26 -0.17 4.24
N ASN B 22 -23.90 -0.99 3.26
CA ASN B 22 -22.83 -1.97 3.43
C ASN B 22 -22.21 -2.23 2.06
N ILE B 23 -21.30 -3.19 1.99
CA ILE B 23 -20.68 -3.53 0.71
C ILE B 23 -20.96 -5.01 0.41
N LEU B 24 -21.55 -5.28 -0.74
CA LEU B 24 -21.85 -6.65 -1.14
C LEU B 24 -20.69 -7.19 -1.99
N ASN B 25 -20.21 -8.38 -1.64
CA ASN B 25 -19.09 -9.01 -2.34
C ASN B 25 -19.42 -10.31 -3.06
N CYS B 26 -18.81 -10.49 -4.23
CA CYS B 26 -18.97 -11.71 -5.00
C CYS B 26 -17.56 -12.17 -5.40
N TYR B 27 -17.12 -13.24 -4.77
CA TYR B 27 -15.80 -13.81 -4.99
C TYR B 27 -15.93 -15.06 -5.84
N VAL B 28 -15.36 -15.00 -7.05
CA VAL B 28 -15.42 -16.12 -7.97
C VAL B 28 -14.00 -16.64 -8.19
N THR B 29 -13.82 -17.94 -8.03
CA THR B 29 -12.49 -18.54 -8.13
C THR B 29 -12.43 -19.85 -8.90
N GLN B 30 -11.19 -20.28 -9.12
CA GLN B 30 -10.88 -21.55 -9.76
C GLN B 30 -11.51 -21.80 -11.12
N PHE B 31 -11.61 -20.77 -11.96
CA PHE B 31 -12.20 -20.97 -13.27
C PHE B 31 -11.17 -20.81 -14.39
N HIS B 32 -11.52 -21.38 -15.54
CA HIS B 32 -10.68 -21.33 -16.73
C HIS B 32 -11.63 -21.81 -17.82
N PRO B 33 -11.64 -21.15 -18.99
CA PRO B 33 -10.84 -19.99 -19.39
C PRO B 33 -11.16 -18.71 -18.64
N PRO B 34 -10.28 -17.69 -18.76
CA PRO B 34 -10.50 -16.42 -18.06
C PRO B 34 -11.74 -15.64 -18.48
N HIS B 35 -12.22 -15.84 -19.70
CA HIS B 35 -13.42 -15.12 -20.17
C HIS B 35 -14.54 -15.38 -19.17
N ILE B 36 -15.19 -14.33 -18.69
CA ILE B 36 -16.26 -14.51 -17.73
C ILE B 36 -17.16 -13.30 -17.62
N GLU B 37 -18.43 -13.54 -17.33
CA GLU B 37 -19.40 -12.46 -17.17
C GLU B 37 -20.00 -12.55 -15.78
N ILE B 38 -19.84 -11.50 -14.99
CA ILE B 38 -20.37 -11.46 -13.65
C ILE B 38 -21.37 -10.32 -13.48
N GLN B 39 -22.50 -10.64 -12.86
CA GLN B 39 -23.56 -9.65 -12.62
C GLN B 39 -24.06 -9.76 -11.19
N MET B 40 -24.08 -8.64 -10.48
CA MET B 40 -24.58 -8.64 -9.12
C MET B 40 -26.01 -8.15 -9.27
N LEU B 41 -26.94 -8.82 -8.60
CA LEU B 41 -28.34 -8.46 -8.73
C LEU B 41 -29.06 -8.08 -7.45
N LYS B 42 -30.03 -7.18 -7.59
CA LYS B 42 -30.87 -6.77 -6.46
C LYS B 42 -32.28 -7.09 -6.96
N ASN B 43 -32.94 -8.01 -6.27
CA ASN B 43 -34.27 -8.41 -6.67
C ASN B 43 -34.25 -8.79 -8.15
N GLY B 44 -33.26 -9.60 -8.52
CA GLY B 44 -33.12 -10.05 -9.89
C GLY B 44 -32.79 -8.98 -10.90
N LYS B 45 -32.55 -7.76 -10.44
CA LYS B 45 -32.24 -6.66 -11.34
C LYS B 45 -30.77 -6.25 -11.24
N LYS B 46 -30.11 -6.17 -12.39
CA LYS B 46 -28.71 -5.82 -12.47
C LYS B 46 -28.33 -4.52 -11.77
N ILE B 47 -27.56 -4.63 -10.69
CA ILE B 47 -27.10 -3.45 -9.98
C ILE B 47 -26.14 -2.82 -10.98
N PRO B 48 -26.31 -1.51 -11.25
CA PRO B 48 -25.47 -0.78 -12.20
C PRO B 48 -23.97 -0.65 -11.90
N LYS B 49 -23.66 0.02 -10.79
CA LYS B 49 -22.29 0.27 -10.40
C LYS B 49 -21.57 -0.92 -9.77
N VAL B 50 -20.91 -1.72 -10.60
CA VAL B 50 -20.18 -2.88 -10.06
C VAL B 50 -18.72 -2.82 -10.46
N GLU B 51 -17.85 -2.90 -9.45
CA GLU B 51 -16.41 -2.88 -9.70
C GLU B 51 -15.85 -4.29 -9.51
N MET B 52 -14.78 -4.60 -10.23
CA MET B 52 -14.17 -5.92 -10.13
C MET B 52 -12.65 -5.81 -10.16
N SER B 53 -11.99 -6.64 -9.37
CA SER B 53 -10.54 -6.66 -9.31
C SER B 53 -10.03 -7.05 -10.69
N ASP B 54 -8.81 -6.64 -11.00
CA ASP B 54 -8.21 -6.94 -12.29
C ASP B 54 -7.83 -8.41 -12.43
N MET B 55 -7.77 -8.88 -13.68
CA MET B 55 -7.47 -10.28 -13.96
C MET B 55 -6.29 -10.81 -13.16
N SER B 56 -6.52 -11.92 -12.48
CA SER B 56 -5.50 -12.55 -11.65
C SER B 56 -5.72 -14.07 -11.61
N PHE B 57 -4.64 -14.82 -11.51
CA PHE B 57 -4.72 -16.28 -11.46
C PHE B 57 -3.71 -16.83 -10.44
N SER B 58 -4.01 -18.00 -9.89
CA SER B 58 -3.16 -18.62 -8.88
C SER B 58 -2.12 -19.59 -9.46
N LYS B 59 -1.25 -20.11 -8.60
CA LYS B 59 -0.22 -21.05 -9.03
C LYS B 59 -0.74 -22.25 -9.81
N ASP B 60 -2.00 -22.62 -9.60
CA ASP B 60 -2.57 -23.77 -10.32
C ASP B 60 -3.12 -23.37 -11.71
N TRP B 61 -2.98 -22.09 -12.05
CA TRP B 61 -3.40 -21.54 -13.35
C TRP B 61 -4.83 -21.03 -13.48
N SER B 62 -5.69 -21.41 -12.54
CA SER B 62 -7.09 -20.99 -12.59
C SER B 62 -7.27 -19.54 -12.12
N PHE B 63 -8.27 -18.87 -12.66
CA PHE B 63 -8.51 -17.48 -12.35
C PHE B 63 -9.43 -17.20 -11.18
N TYR B 64 -9.31 -15.99 -10.63
CA TYR B 64 -10.15 -15.58 -9.53
C TYR B 64 -10.41 -14.10 -9.66
N ILE B 65 -11.52 -13.65 -9.10
CA ILE B 65 -11.90 -12.26 -9.20
C ILE B 65 -12.89 -11.89 -8.10
N LEU B 66 -12.79 -10.65 -7.63
CA LEU B 66 -13.67 -10.16 -6.60
C LEU B 66 -14.49 -9.01 -7.17
N ALA B 67 -15.81 -9.13 -7.11
CA ALA B 67 -16.71 -8.08 -7.59
C ALA B 67 -17.38 -7.52 -6.35
N HIS B 68 -17.67 -6.23 -6.35
CA HIS B 68 -18.30 -5.62 -5.19
C HIS B 68 -19.04 -4.35 -5.55
N THR B 69 -20.03 -4.03 -4.75
CA THR B 69 -20.81 -2.83 -4.99
C THR B 69 -21.54 -2.47 -3.70
N GLU B 70 -21.99 -1.23 -3.62
CA GLU B 70 -22.71 -0.77 -2.45
C GLU B 70 -24.12 -1.35 -2.44
N PHE B 71 -24.61 -1.67 -1.25
CA PHE B 71 -25.96 -2.19 -1.10
C PHE B 71 -26.43 -1.97 0.33
N THR B 72 -27.74 -1.93 0.49
CA THR B 72 -28.34 -1.73 1.80
C THR B 72 -29.30 -2.88 2.04
N PRO B 73 -28.91 -3.80 2.92
CA PRO B 73 -29.75 -4.95 3.23
C PRO B 73 -31.06 -4.58 3.93
N THR B 74 -32.14 -5.19 3.45
CA THR B 74 -33.46 -4.99 4.05
C THR B 74 -33.98 -6.37 4.40
N GLU B 75 -35.22 -6.44 4.88
CA GLU B 75 -35.79 -7.72 5.26
C GLU B 75 -36.29 -8.57 4.11
N THR B 76 -36.71 -7.93 3.03
CA THR B 76 -37.23 -8.68 1.90
C THR B 76 -36.52 -8.56 0.56
N ASP B 77 -35.58 -7.63 0.46
CA ASP B 77 -34.84 -7.48 -0.79
C ASP B 77 -33.91 -8.69 -0.90
N THR B 78 -33.64 -9.11 -2.13
CA THR B 78 -32.75 -10.22 -2.35
C THR B 78 -31.52 -9.69 -3.08
N TYR B 79 -30.40 -10.37 -2.87
CA TYR B 79 -29.16 -10.01 -3.52
C TYR B 79 -28.55 -11.29 -4.02
N ALA B 80 -28.02 -11.25 -5.23
CA ALA B 80 -27.43 -12.43 -5.84
C ALA B 80 -26.31 -12.03 -6.77
N CYS B 81 -25.56 -13.04 -7.20
CA CYS B 81 -24.45 -12.84 -8.11
C CYS B 81 -24.72 -13.88 -9.18
N ARG B 82 -24.79 -13.45 -10.44
CA ARG B 82 -25.03 -14.37 -11.54
C ARG B 82 -23.78 -14.40 -12.39
N VAL B 83 -23.27 -15.60 -12.62
CA VAL B 83 -22.05 -15.79 -13.38
C VAL B 83 -22.25 -16.62 -14.65
N LYS B 84 -21.74 -16.12 -15.77
CA LYS B 84 -21.83 -16.81 -17.05
C LYS B 84 -20.40 -17.19 -17.42
N HIS B 85 -20.19 -18.48 -17.66
CA HIS B 85 -18.86 -18.97 -18.03
C HIS B 85 -18.98 -20.18 -18.95
N ALA B 86 -18.07 -20.27 -19.93
CA ALA B 86 -18.08 -21.34 -20.92
C ALA B 86 -18.14 -22.76 -20.35
N SER B 87 -17.73 -22.91 -19.09
CA SER B 87 -17.74 -24.22 -18.45
C SER B 87 -19.12 -24.68 -18.02
N MET B 88 -20.10 -23.76 -18.04
CA MET B 88 -21.45 -24.11 -17.62
C MET B 88 -22.46 -23.85 -18.74
N ALA B 89 -23.38 -24.79 -18.92
CA ALA B 89 -24.40 -24.65 -19.96
C ALA B 89 -25.26 -23.41 -19.70
N GLU B 90 -25.61 -23.20 -18.44
CA GLU B 90 -26.44 -22.07 -18.07
C GLU B 90 -25.75 -21.19 -17.03
N PRO B 91 -26.20 -19.94 -16.91
CA PRO B 91 -25.62 -19.03 -15.92
C PRO B 91 -25.86 -19.61 -14.53
N LYS B 92 -24.90 -19.44 -13.63
CA LYS B 92 -25.08 -19.95 -12.27
C LYS B 92 -25.36 -18.77 -11.36
N THR B 93 -26.43 -18.88 -10.59
CA THR B 93 -26.80 -17.81 -9.66
C THR B 93 -26.65 -18.26 -8.21
N VAL B 94 -26.04 -17.40 -7.40
CA VAL B 94 -25.85 -17.66 -5.99
C VAL B 94 -26.45 -16.49 -5.23
N TYR B 95 -27.33 -16.80 -4.28
CA TYR B 95 -28.01 -15.77 -3.50
C TYR B 95 -27.29 -15.43 -2.20
N TRP B 96 -27.42 -14.17 -1.78
CA TRP B 96 -26.81 -13.71 -0.54
C TRP B 96 -27.62 -14.27 0.64
N ASP B 97 -26.91 -14.63 1.71
CA ASP B 97 -27.54 -15.17 2.91
C ASP B 97 -26.84 -14.46 4.08
N ARG B 98 -27.55 -13.55 4.73
CA ARG B 98 -26.98 -12.79 5.84
C ARG B 98 -26.36 -13.64 6.94
N ASP B 99 -26.60 -14.95 6.93
CA ASP B 99 -26.05 -15.80 7.96
C ASP B 99 -24.81 -16.57 7.50
N MET B 100 -24.34 -16.30 6.28
CA MET B 100 -23.17 -17.00 5.77
C MET B 100 -22.29 -16.14 4.88
N SER C 1 3.61 30.21 -9.74
CA SER C 1 5.08 30.05 -9.49
C SER C 1 5.39 29.71 -8.04
N THR C 2 6.59 29.18 -7.83
CA THR C 2 7.06 28.76 -6.50
C THR C 2 8.18 29.67 -6.03
N VAL C 3 8.53 29.55 -4.76
CA VAL C 3 9.57 30.38 -4.18
C VAL C 3 10.93 30.21 -4.87
N LEU C 4 11.12 29.10 -5.58
CA LEU C 4 12.37 28.89 -6.27
C LEU C 4 12.27 29.25 -7.75
N ASP C 5 11.05 29.32 -8.27
CA ASP C 5 10.85 29.67 -9.67
C ASP C 5 11.34 31.06 -9.98
N SER C 6 11.96 31.20 -11.14
CA SER C 6 12.46 32.50 -11.57
C SER C 6 11.24 33.39 -11.87
N LEU C 7 11.47 34.70 -11.86
CA LEU C 7 10.44 35.69 -12.13
C LEU C 7 9.70 35.35 -13.43
N GLN C 8 10.48 35.03 -14.47
CA GLN C 8 9.94 34.68 -15.78
C GLN C 8 10.33 33.23 -16.07
N HIS C 9 9.34 32.34 -16.14
CA HIS C 9 9.62 30.92 -16.35
C HIS C 9 8.60 30.22 -17.26
N LYS C 15 6.28 22.21 -7.12
CA LYS C 15 5.77 22.59 -5.77
C LYS C 15 6.93 22.59 -4.76
N VAL C 16 7.10 23.69 -4.05
CA VAL C 16 8.18 23.80 -3.08
C VAL C 16 7.74 24.49 -1.78
N TYR C 17 7.99 23.83 -0.66
CA TYR C 17 7.66 24.37 0.65
C TYR C 17 8.98 24.76 1.29
N TRP C 18 8.98 25.79 2.12
CA TRP C 18 10.21 26.25 2.74
C TRP C 18 10.00 26.89 4.10
N PHE C 19 11.11 27.10 4.80
CA PHE C 19 11.11 27.74 6.11
C PHE C 19 12.57 27.97 6.47
N CYS C 20 12.81 28.81 7.45
CA CYS C 20 14.16 29.09 7.90
C CYS C 20 14.24 28.80 9.40
N TYR C 21 15.44 28.46 9.87
CA TYR C 21 15.69 28.15 11.26
C TYR C 21 17.14 28.58 11.52
N GLY C 22 17.33 29.58 12.36
CA GLY C 22 18.68 30.06 12.64
C GLY C 22 19.29 30.72 11.41
N MET C 23 20.55 30.41 11.14
CA MET C 23 21.24 30.99 9.97
C MET C 23 21.08 30.12 8.73
N LYS C 24 19.94 29.46 8.60
CA LYS C 24 19.74 28.58 7.46
C LYS C 24 18.29 28.47 7.02
N CYS C 25 18.09 28.24 5.73
CA CYS C 25 16.75 28.05 5.21
C CYS C 25 16.70 26.73 4.45
N TYR C 26 15.53 26.11 4.42
CA TYR C 26 15.35 24.82 3.80
C TYR C 26 14.21 24.84 2.80
N TYR C 27 14.43 24.23 1.64
CA TYR C 27 13.38 24.18 0.62
C TYR C 27 13.10 22.73 0.25
N PHE C 28 11.85 22.32 0.37
CA PHE C 28 11.46 20.96 0.07
C PHE C 28 10.83 20.91 -1.33
N VAL C 29 11.58 20.36 -2.27
CA VAL C 29 11.15 20.21 -3.65
C VAL C 29 10.25 18.99 -3.68
N MET C 30 8.94 19.22 -3.80
CA MET C 30 8.00 18.10 -3.78
C MET C 30 7.98 17.18 -5.02
N ASP C 31 8.50 17.65 -6.16
CA ASP C 31 8.57 16.80 -7.37
C ASP C 31 9.68 15.78 -7.10
N ARG C 32 9.30 14.57 -6.71
CA ARG C 32 10.29 13.54 -6.42
C ARG C 32 11.33 13.36 -7.51
N LYS C 33 12.60 13.21 -7.11
CA LYS C 33 13.68 13.03 -8.07
C LYS C 33 14.76 12.09 -7.56
N THR C 34 15.63 11.68 -8.47
CA THR C 34 16.75 10.82 -8.17
C THR C 34 17.69 11.63 -7.29
N TRP C 35 18.61 10.98 -6.59
CA TRP C 35 19.52 11.72 -5.73
C TRP C 35 20.29 12.78 -6.56
N SER C 36 20.92 12.34 -7.66
CA SER C 36 21.67 13.29 -8.47
C SER C 36 20.70 14.32 -9.09
N GLY C 37 19.47 13.89 -9.34
CA GLY C 37 18.48 14.80 -9.90
C GLY C 37 18.19 15.92 -8.89
N CYS C 38 18.23 15.57 -7.62
CA CYS C 38 18.01 16.53 -6.55
C CYS C 38 19.21 17.45 -6.43
N LYS C 39 20.40 16.85 -6.50
CA LYS C 39 21.65 17.62 -6.42
C LYS C 39 21.60 18.73 -7.45
N GLN C 40 21.29 18.36 -8.69
CA GLN C 40 21.21 19.30 -9.80
C GLN C 40 20.11 20.35 -9.58
N THR C 41 18.93 19.93 -9.15
CA THR C 41 17.84 20.87 -8.93
C THR C 41 18.24 21.95 -7.90
N CYS C 42 18.86 21.53 -6.80
CA CYS C 42 19.28 22.50 -5.80
C CYS C 42 20.34 23.43 -6.41
N GLN C 43 21.28 22.85 -7.15
CA GLN C 43 22.34 23.64 -7.77
C GLN C 43 21.80 24.67 -8.75
N SER C 44 20.76 24.30 -9.51
CA SER C 44 20.16 25.22 -10.47
C SER C 44 19.56 26.46 -9.81
N SER C 45 19.18 26.32 -8.54
CA SER C 45 18.60 27.45 -7.81
C SER C 45 19.64 28.12 -6.93
N SER C 46 20.91 27.84 -7.23
CA SER C 46 22.03 28.41 -6.49
C SER C 46 22.00 27.95 -5.04
N LEU C 47 21.36 26.80 -4.81
CA LEU C 47 21.29 26.22 -3.47
C LEU C 47 22.11 24.95 -3.44
N SER C 48 22.00 24.18 -2.36
CA SER C 48 22.78 22.96 -2.24
C SER C 48 22.00 21.85 -1.55
N LEU C 49 22.16 20.62 -2.02
CA LEU C 49 21.46 19.49 -1.40
C LEU C 49 21.90 19.51 0.06
N LEU C 50 20.92 19.60 0.96
CA LEU C 50 21.16 19.71 2.39
C LEU C 50 22.31 18.97 3.04
N LYS C 51 23.09 19.72 3.80
CA LYS C 51 24.18 19.16 4.58
C LYS C 51 23.78 19.42 6.02
N ILE C 52 23.64 18.36 6.83
CA ILE C 52 23.27 18.54 8.22
C ILE C 52 24.56 18.82 9.00
N ASP C 53 24.63 19.99 9.63
CA ASP C 53 25.83 20.42 10.34
C ASP C 53 26.07 19.93 11.76
N ASP C 54 25.01 19.58 12.48
CA ASP C 54 25.18 19.09 13.85
C ASP C 54 23.96 18.34 14.38
N GLU C 55 24.10 17.75 15.56
CA GLU C 55 23.02 17.00 16.18
C GLU C 55 21.80 17.89 16.42
N ASP C 56 22.02 19.12 16.86
CA ASP C 56 20.91 20.04 17.11
C ASP C 56 20.07 20.29 15.86
N GLU C 57 20.72 20.54 14.73
CA GLU C 57 19.98 20.79 13.50
C GLU C 57 19.18 19.54 13.13
N LEU C 58 19.78 18.36 13.27
CA LEU C 58 19.08 17.12 12.94
C LEU C 58 17.84 16.95 13.83
N LYS C 59 18.02 17.26 15.11
CA LYS C 59 16.97 17.16 16.12
C LYS C 59 15.77 18.02 15.73
N PHE C 60 16.03 19.30 15.42
CA PHE C 60 14.94 20.16 15.04
C PHE C 60 14.26 19.70 13.76
N LEU C 61 15.06 19.40 12.74
CA LEU C 61 14.51 18.97 11.44
C LEU C 61 13.55 17.78 11.49
N GLN C 62 13.77 16.86 12.43
CA GLN C 62 12.90 15.70 12.51
C GLN C 62 11.53 16.01 13.10
N LEU C 63 11.39 17.22 13.64
CA LEU C 63 10.13 17.68 14.20
C LEU C 63 9.24 18.15 13.07
N VAL C 64 9.85 18.54 11.94
CA VAL C 64 9.07 19.05 10.81
C VAL C 64 9.17 18.34 9.47
N VAL C 65 10.18 17.51 9.25
CA VAL C 65 10.29 16.80 7.97
C VAL C 65 9.31 15.63 7.90
N PRO C 66 8.81 15.33 6.68
CA PRO C 66 7.85 14.26 6.38
C PRO C 66 8.27 12.88 6.91
N SER C 67 7.28 12.04 7.19
CA SER C 67 7.58 10.68 7.65
C SER C 67 8.16 9.98 6.42
N ASP C 68 7.75 10.44 5.24
CA ASP C 68 8.28 9.90 3.99
C ASP C 68 9.68 10.47 3.90
N SER C 69 10.60 9.69 3.34
CA SER C 69 11.97 10.14 3.25
C SER C 69 12.23 11.25 2.22
N CYS C 70 13.34 11.95 2.43
CA CYS C 70 13.77 13.05 1.56
C CYS C 70 15.28 12.89 1.31
N TRP C 71 15.68 13.08 0.06
CA TRP C 71 17.11 13.02 -0.30
C TRP C 71 17.86 14.17 0.37
N VAL C 72 19.04 13.88 0.94
CA VAL C 72 19.88 14.90 1.56
C VAL C 72 21.28 14.82 0.92
N GLY C 73 22.10 15.84 1.13
CA GLY C 73 23.42 15.89 0.51
C GLY C 73 24.51 15.02 1.11
N LEU C 74 24.26 13.71 1.20
CA LEU C 74 25.24 12.77 1.74
C LEU C 74 25.19 11.53 0.87
N SER C 75 26.34 11.15 0.33
CA SER C 75 26.39 9.99 -0.54
C SER C 75 27.67 9.17 -0.40
N TYR C 76 27.66 8.01 -1.04
CA TYR C 76 28.80 7.11 -1.01
C TYR C 76 29.69 7.32 -2.21
N ASP C 77 30.99 7.43 -1.97
CA ASP C 77 31.97 7.58 -3.05
C ASP C 77 32.62 6.21 -3.26
N ASN C 78 32.31 5.55 -4.37
CA ASN C 78 32.86 4.23 -4.66
C ASN C 78 34.39 4.17 -4.61
N LYS C 79 35.06 5.13 -5.23
CA LYS C 79 36.52 5.13 -5.24
C LYS C 79 37.15 5.97 -4.13
N LYS C 80 36.71 5.69 -2.90
CA LYS C 80 37.20 6.35 -1.70
C LYS C 80 36.65 5.51 -0.57
N LYS C 81 35.78 4.57 -0.97
CA LYS C 81 35.13 3.66 -0.06
C LYS C 81 34.70 4.31 1.24
N ASP C 82 33.83 5.32 1.11
CA ASP C 82 33.31 6.03 2.27
C ASP C 82 32.26 7.06 1.86
N TRP C 83 31.51 7.55 2.85
CA TRP C 83 30.48 8.55 2.62
C TRP C 83 31.04 9.96 2.75
N ALA C 84 30.48 10.88 1.97
CA ALA C 84 30.92 12.27 2.01
C ALA C 84 29.74 13.19 1.82
N TRP C 85 29.81 14.37 2.43
CA TRP C 85 28.73 15.34 2.30
C TRP C 85 28.86 16.03 0.94
N ILE C 86 27.82 16.78 0.58
CA ILE C 86 27.77 17.48 -0.70
C ILE C 86 29.00 18.35 -1.02
N ASP C 87 29.60 18.95 0.01
CA ASP C 87 30.76 19.80 -0.20
C ASP C 87 32.09 19.07 0.03
N ASN C 88 32.02 17.76 0.24
CA ASN C 88 33.23 16.97 0.47
C ASN C 88 33.98 17.46 1.70
N ARG C 89 33.26 18.01 2.66
CA ARG C 89 33.85 18.49 3.89
C ARG C 89 33.16 17.82 5.08
N PRO C 90 33.91 17.59 6.17
CA PRO C 90 33.34 16.95 7.35
C PRO C 90 32.19 17.74 7.96
N SER C 91 31.50 17.11 8.91
CA SER C 91 30.38 17.72 9.60
C SER C 91 30.49 17.39 11.08
N LYS C 92 30.05 18.32 11.93
CA LYS C 92 30.09 18.13 13.38
C LYS C 92 29.20 16.97 13.80
N LEU C 93 28.26 16.59 12.95
CA LEU C 93 27.35 15.49 13.22
C LEU C 93 28.10 14.17 13.29
N ALA C 94 28.08 13.55 14.48
CA ALA C 94 28.74 12.27 14.70
C ALA C 94 27.89 11.16 14.09
N LEU C 95 28.17 10.83 12.84
CA LEU C 95 27.41 9.80 12.16
C LEU C 95 28.26 8.55 11.91
N ASN C 96 27.70 7.38 12.20
CA ASN C 96 28.41 6.14 11.97
C ASN C 96 28.15 5.68 10.54
N THR C 97 28.97 6.14 9.61
CA THR C 97 28.81 5.78 8.21
C THR C 97 29.41 4.42 7.90
N ARG C 98 29.07 3.42 8.71
CA ARG C 98 29.57 2.08 8.50
C ARG C 98 28.52 1.10 8.93
N LYS C 99 27.46 1.64 9.51
CA LYS C 99 26.35 0.83 9.96
C LYS C 99 25.35 0.77 8.81
N TYR C 100 25.76 1.31 7.66
CA TYR C 100 24.91 1.31 6.46
C TYR C 100 25.50 0.34 5.42
N ASN C 101 24.68 -0.57 4.91
CA ASN C 101 25.16 -1.53 3.92
C ASN C 101 24.93 -0.96 2.52
N ILE C 102 26.03 -0.63 1.83
CA ILE C 102 25.92 -0.06 0.50
C ILE C 102 25.20 -0.96 -0.52
N ARG C 103 24.98 -2.22 -0.17
CA ARG C 103 24.28 -3.12 -1.08
C ARG C 103 22.82 -2.67 -1.14
N ASP C 104 22.40 -1.91 -0.13
CA ASP C 104 21.04 -1.42 -0.08
C ASP C 104 20.90 0.04 -0.49
N GLY C 105 21.96 0.61 -1.07
CA GLY C 105 21.89 1.99 -1.51
C GLY C 105 23.11 2.82 -1.18
N GLY C 106 23.48 3.71 -2.11
CA GLY C 106 24.64 4.56 -1.90
C GLY C 106 24.32 6.03 -1.68
N CYS C 107 23.06 6.36 -1.37
CA CYS C 107 22.65 7.75 -1.15
C CYS C 107 21.86 7.84 0.17
N MET C 108 21.96 9.00 0.84
CA MET C 108 21.30 9.19 2.13
C MET C 108 19.94 9.87 2.12
N LEU C 109 18.99 9.25 2.82
CA LEU C 109 17.63 9.76 2.95
C LEU C 109 17.37 10.25 4.37
N LEU C 110 16.62 11.34 4.50
CA LEU C 110 16.26 11.87 5.82
C LEU C 110 14.75 11.71 6.02
N SER C 111 14.38 11.18 7.16
CA SER C 111 12.97 11.01 7.49
C SER C 111 12.79 11.46 8.93
N LYS C 112 11.54 11.65 9.32
CA LYS C 112 11.17 12.07 10.67
C LYS C 112 11.86 11.24 11.74
N THR C 113 12.11 9.99 11.45
CA THR C 113 12.71 9.09 12.44
C THR C 113 14.04 8.49 12.03
N ARG C 114 14.46 8.70 10.79
CA ARG C 114 15.71 8.10 10.35
C ARG C 114 16.56 8.88 9.36
N LEU C 115 17.79 8.42 9.25
CA LEU C 115 18.81 8.91 8.31
C LEU C 115 19.22 7.53 7.77
N ASP C 116 18.45 7.04 6.80
CA ASP C 116 18.63 5.72 6.21
C ASP C 116 19.10 5.78 4.76
N ASN C 117 19.89 4.80 4.33
CA ASN C 117 20.39 4.81 2.96
C ASN C 117 19.38 4.22 2.00
N GLY C 118 19.36 4.76 0.79
CA GLY C 118 18.45 4.29 -0.24
C GLY C 118 19.16 4.26 -1.57
N ASN C 119 18.49 3.72 -2.58
CA ASN C 119 19.09 3.62 -3.89
C ASN C 119 19.04 4.98 -4.60
N CYS C 120 20.22 5.44 -4.99
CA CYS C 120 20.34 6.73 -5.64
C CYS C 120 19.40 6.92 -6.82
N ASP C 121 19.06 5.84 -7.50
CA ASP C 121 18.17 5.92 -8.65
C ASP C 121 16.70 6.06 -8.27
N GLN C 122 16.38 5.97 -6.98
CA GLN C 122 14.98 6.12 -6.56
C GLN C 122 14.60 7.60 -6.43
N VAL C 123 13.31 7.90 -6.52
CA VAL C 123 12.85 9.27 -6.45
C VAL C 123 12.16 9.64 -5.15
N PHE C 124 12.70 10.67 -4.51
CA PHE C 124 12.17 11.19 -3.25
C PHE C 124 12.25 12.70 -3.25
N ILE C 125 11.50 13.33 -2.35
CA ILE C 125 11.50 14.78 -2.18
C ILE C 125 12.96 15.22 -2.02
N CYS C 126 13.27 16.45 -2.42
CA CYS C 126 14.63 16.98 -2.26
C CYS C 126 14.65 18.04 -1.17
N ILE C 127 15.65 18.02 -0.30
CA ILE C 127 15.75 19.08 0.69
C ILE C 127 16.96 19.93 0.27
N CYS C 128 16.71 21.18 -0.15
CA CYS C 128 17.78 22.08 -0.56
C CYS C 128 18.06 23.06 0.59
N GLY C 129 19.35 23.29 0.87
CA GLY C 129 19.72 24.18 1.94
C GLY C 129 20.34 25.50 1.49
N LYS C 130 20.09 26.55 2.28
CA LYS C 130 20.64 27.87 1.99
C LYS C 130 21.19 28.48 3.26
N ARG C 131 22.50 28.75 3.27
CA ARG C 131 23.14 29.35 4.44
C ARG C 131 22.99 30.88 4.37
N LEU C 132 22.55 31.48 5.47
CA LEU C 132 22.38 32.93 5.51
C LEU C 132 23.69 33.62 5.85
N ASP C 133 24.08 34.54 4.98
CA ASP C 133 25.33 35.30 5.10
C ASP C 133 26.52 34.36 5.22
N ASP D 14 16.31 32.99 21.85
CA ASP D 14 15.37 31.91 21.42
C ASP D 14 15.57 31.49 19.97
N LYS D 15 15.47 30.20 19.72
CA LYS D 15 15.60 29.66 18.36
C LYS D 15 14.24 29.90 17.71
N VAL D 16 14.25 30.27 16.43
CA VAL D 16 12.99 30.53 15.73
C VAL D 16 12.86 29.85 14.38
N TYR D 17 11.79 29.08 14.24
CA TYR D 17 11.44 28.35 13.02
C TYR D 17 10.32 29.21 12.39
N TRP D 18 10.60 29.79 11.23
CA TRP D 18 9.62 30.66 10.59
C TRP D 18 9.54 30.57 9.07
N PHE D 19 8.53 31.22 8.51
CA PHE D 19 8.30 31.25 7.07
C PHE D 19 7.08 32.11 6.79
N CYS D 20 6.87 32.45 5.54
CA CYS D 20 5.70 33.22 5.16
C CYS D 20 5.02 32.41 4.08
N TYR D 21 3.69 32.51 4.03
CA TYR D 21 2.89 31.78 3.06
C TYR D 21 1.71 32.70 2.77
N GLY D 22 1.46 32.99 1.50
CA GLY D 22 0.35 33.88 1.17
C GLY D 22 0.63 35.28 1.71
N MET D 23 -0.34 35.85 2.44
CA MET D 23 -0.18 37.19 3.00
C MET D 23 0.13 37.23 4.50
N LYS D 24 0.64 36.13 5.05
CA LYS D 24 0.97 36.09 6.47
C LYS D 24 2.29 35.37 6.71
N CYS D 25 2.98 35.74 7.77
CA CYS D 25 4.24 35.10 8.14
C CYS D 25 4.04 34.44 9.50
N TYR D 26 4.69 33.32 9.72
CA TYR D 26 4.55 32.61 10.98
C TYR D 26 5.89 32.36 11.65
N TYR D 27 5.95 32.68 12.94
CA TYR D 27 7.18 32.49 13.71
C TYR D 27 6.97 31.58 14.92
N PHE D 28 7.60 30.41 14.87
CA PHE D 28 7.51 29.47 15.98
C PHE D 28 8.69 29.69 16.92
N VAL D 29 8.40 30.23 18.10
CA VAL D 29 9.42 30.49 19.12
C VAL D 29 9.62 29.16 19.83
N MET D 30 10.73 28.51 19.52
CA MET D 30 11.03 27.21 20.09
C MET D 30 11.52 27.16 21.54
N ASP D 31 10.87 27.94 22.39
CA ASP D 31 11.18 27.97 23.82
C ASP D 31 9.79 27.87 24.45
N ARG D 32 9.63 26.99 25.44
CA ARG D 32 8.31 26.84 26.05
C ARG D 32 8.00 27.93 27.08
N LYS D 33 6.91 28.66 26.85
CA LYS D 33 6.51 29.74 27.76
C LYS D 33 5.03 29.63 28.10
N THR D 34 4.62 30.33 29.15
CA THR D 34 3.23 30.37 29.55
C THR D 34 2.52 31.12 28.42
N TRP D 35 1.20 31.01 28.36
CA TRP D 35 0.45 31.69 27.33
C TRP D 35 0.77 33.17 27.37
N SER D 36 0.80 33.71 28.59
CA SER D 36 1.09 35.12 28.80
C SER D 36 2.51 35.44 28.35
N GLY D 37 3.44 34.51 28.62
CA GLY D 37 4.82 34.72 28.21
C GLY D 37 4.91 34.84 26.70
N CYS D 38 4.16 33.98 26.01
CA CYS D 38 4.13 33.99 24.54
C CYS D 38 3.53 35.28 23.98
N LYS D 39 2.43 35.74 24.57
CA LYS D 39 1.79 36.95 24.11
C LYS D 39 2.79 38.10 24.21
N GLN D 40 3.50 38.15 25.33
CA GLN D 40 4.50 39.20 25.55
C GLN D 40 5.67 39.08 24.56
N THR D 41 6.13 37.84 24.34
CA THR D 41 7.22 37.60 23.42
C THR D 41 6.87 38.07 22.00
N CYS D 42 5.63 37.82 21.58
CA CYS D 42 5.22 38.21 20.25
C CYS D 42 5.08 39.73 20.09
N GLN D 43 4.37 40.41 20.99
CA GLN D 43 4.23 41.85 20.78
C GLN D 43 5.51 42.63 21.02
N SER D 44 6.43 42.01 21.73
CA SER D 44 7.70 42.67 21.99
C SER D 44 8.48 42.72 20.68
N SER D 45 8.16 41.83 19.74
CA SER D 45 8.84 41.83 18.44
C SER D 45 7.91 42.34 17.34
N SER D 46 6.91 43.12 17.74
CA SER D 46 5.95 43.70 16.80
C SER D 46 5.15 42.67 16.03
N LEU D 47 4.76 41.61 16.72
CA LEU D 47 3.95 40.55 16.13
C LEU D 47 2.80 40.32 17.11
N SER D 48 1.96 39.34 16.84
CA SER D 48 0.86 39.04 17.75
C SER D 48 0.71 37.53 17.85
N LEU D 49 0.38 37.04 19.04
CA LEU D 49 0.19 35.61 19.24
C LEU D 49 -0.82 35.23 18.16
N LEU D 50 -0.44 34.27 17.34
CA LEU D 50 -1.24 33.81 16.20
C LEU D 50 -2.77 33.82 16.27
N LYS D 51 -3.38 34.36 15.23
CA LYS D 51 -4.83 34.36 15.08
C LYS D 51 -5.07 33.51 13.84
N ILE D 52 -5.91 32.49 13.97
CA ILE D 52 -6.21 31.62 12.84
C ILE D 52 -7.45 32.22 12.18
N ASP D 53 -7.39 32.48 10.89
CA ASP D 53 -8.49 33.13 10.19
C ASP D 53 -9.57 32.27 9.54
N ASP D 54 -9.24 31.01 9.23
CA ASP D 54 -10.21 30.12 8.61
C ASP D 54 -9.79 28.65 8.66
N GLU D 55 -10.71 27.76 8.27
CA GLU D 55 -10.46 26.31 8.25
C GLU D 55 -9.25 25.92 7.43
N ASP D 56 -9.09 26.56 6.29
CA ASP D 56 -7.97 26.24 5.41
C ASP D 56 -6.64 26.59 6.05
N GLU D 57 -6.60 27.68 6.79
CA GLU D 57 -5.36 28.07 7.46
C GLU D 57 -5.08 27.07 8.58
N LEU D 58 -6.14 26.60 9.25
CA LEU D 58 -5.98 25.63 10.32
C LEU D 58 -5.35 24.33 9.80
N LYS D 59 -5.90 23.78 8.73
CA LYS D 59 -5.37 22.54 8.17
C LYS D 59 -3.93 22.71 7.68
N PHE D 60 -3.66 23.87 7.07
CA PHE D 60 -2.32 24.14 6.57
C PHE D 60 -1.31 24.18 7.72
N LEU D 61 -1.62 24.96 8.75
CA LEU D 61 -0.74 25.07 9.90
C LEU D 61 -0.51 23.73 10.60
N GLN D 62 -1.55 22.89 10.68
CA GLN D 62 -1.38 21.60 11.34
C GLN D 62 -0.34 20.74 10.63
N LEU D 63 -0.16 20.99 9.33
CA LEU D 63 0.81 20.24 8.55
C LEU D 63 2.24 20.64 8.88
N VAL D 64 2.45 21.90 9.25
CA VAL D 64 3.80 22.40 9.55
C VAL D 64 4.13 22.58 11.02
N VAL D 65 3.17 22.29 11.91
CA VAL D 65 3.45 22.41 13.33
C VAL D 65 4.58 21.44 13.66
N PRO D 66 5.56 21.89 14.46
CA PRO D 66 6.72 21.07 14.85
C PRO D 66 6.49 19.97 15.88
N SER D 67 5.62 19.02 15.55
CA SER D 67 5.34 17.88 16.41
C SER D 67 5.21 18.22 17.90
N ASP D 68 4.39 19.21 18.22
CA ASP D 68 4.23 19.63 19.61
C ASP D 68 2.95 20.46 19.71
N SER D 69 2.53 20.76 20.94
CA SER D 69 1.34 21.59 21.16
C SER D 69 1.89 23.02 21.21
N CYS D 70 1.17 23.96 20.59
CA CYS D 70 1.61 25.35 20.51
C CYS D 70 0.56 26.40 20.85
N TRP D 71 0.97 27.39 21.65
CA TRP D 71 0.08 28.48 22.04
C TRP D 71 -0.30 29.33 20.84
N VAL D 72 -1.59 29.62 20.70
CA VAL D 72 -2.07 30.50 19.64
C VAL D 72 -2.88 31.58 20.37
N GLY D 73 -3.22 32.67 19.67
CA GLY D 73 -3.93 33.78 20.30
C GLY D 73 -5.41 33.70 20.62
N LEU D 74 -5.85 32.61 21.22
CA LEU D 74 -7.26 32.47 21.58
C LEU D 74 -7.29 32.07 23.04
N SER D 75 -8.05 32.81 23.85
CA SER D 75 -8.12 32.54 25.29
C SER D 75 -9.47 32.89 25.95
N TYR D 76 -9.67 32.34 27.14
CA TYR D 76 -10.90 32.55 27.88
C TYR D 76 -10.86 33.82 28.73
N ASP D 77 -11.92 34.62 28.66
CA ASP D 77 -12.04 35.85 29.43
C ASP D 77 -13.01 35.53 30.55
N ASN D 78 -12.48 35.39 31.76
CA ASN D 78 -13.30 35.05 32.93
C ASN D 78 -14.38 36.06 33.30
N LYS D 79 -14.22 37.31 32.85
CA LYS D 79 -15.21 38.33 33.14
C LYS D 79 -16.30 38.40 32.07
N LYS D 80 -15.95 38.04 30.84
CA LYS D 80 -16.94 38.04 29.76
C LYS D 80 -17.51 36.63 29.65
N LYS D 81 -16.87 35.70 30.33
CA LYS D 81 -17.28 34.30 30.32
C LYS D 81 -17.44 33.80 28.88
N ASP D 82 -16.39 34.01 28.10
CA ASP D 82 -16.37 33.57 26.71
C ASP D 82 -14.97 33.69 26.11
N TRP D 83 -14.72 32.95 25.06
CA TRP D 83 -13.42 32.97 24.40
C TRP D 83 -13.29 34.10 23.39
N ALA D 84 -12.11 34.68 23.31
CA ALA D 84 -11.87 35.77 22.37
C ALA D 84 -10.44 35.74 21.83
N TRP D 85 -10.30 36.01 20.54
CA TRP D 85 -9.00 36.05 19.91
C TRP D 85 -8.24 37.27 20.39
N ILE D 86 -6.93 37.21 20.21
CA ILE D 86 -6.05 38.26 20.65
C ILE D 86 -6.46 39.67 20.20
N ASP D 87 -6.98 39.81 18.97
CA ASP D 87 -7.39 41.13 18.47
C ASP D 87 -8.81 41.51 18.88
N ASN D 88 -9.44 40.68 19.71
CA ASN D 88 -10.80 40.91 20.19
C ASN D 88 -11.81 41.06 19.06
N ARG D 89 -11.56 40.39 17.94
CA ARG D 89 -12.46 40.42 16.81
C ARG D 89 -12.67 38.98 16.35
N PRO D 90 -13.78 38.71 15.65
CA PRO D 90 -14.09 37.36 15.18
C PRO D 90 -13.15 36.81 14.09
N SER D 91 -13.31 35.53 13.82
CA SER D 91 -12.56 34.83 12.79
C SER D 91 -13.56 34.07 11.95
N LYS D 92 -13.23 33.78 10.69
CA LYS D 92 -14.14 33.03 9.84
C LYS D 92 -14.08 31.57 10.26
N LEU D 93 -13.14 31.28 11.16
CA LEU D 93 -12.97 29.94 11.67
C LEU D 93 -14.10 29.69 12.66
N ALA D 94 -15.11 28.95 12.22
CA ALA D 94 -16.26 28.63 13.05
C ALA D 94 -15.87 27.82 14.28
N LEU D 95 -16.05 28.40 15.46
CA LEU D 95 -15.71 27.69 16.70
C LEU D 95 -16.80 27.81 17.76
N ASN D 96 -17.30 26.67 18.21
CA ASN D 96 -18.32 26.62 19.23
C ASN D 96 -17.60 26.64 20.56
N THR D 97 -17.36 27.85 21.09
CA THR D 97 -16.65 28.02 22.34
C THR D 97 -17.17 27.23 23.54
N ARG D 98 -18.36 26.64 23.41
CA ARG D 98 -18.91 25.84 24.50
C ARG D 98 -18.20 24.49 24.56
N LYS D 99 -17.56 24.11 23.46
CA LYS D 99 -16.84 22.83 23.38
C LYS D 99 -15.56 22.80 24.19
N TYR D 100 -15.21 23.93 24.79
CA TYR D 100 -14.00 24.01 25.61
C TYR D 100 -14.38 24.35 27.05
N ASN D 101 -14.23 23.42 27.97
CA ASN D 101 -14.59 23.72 29.37
C ASN D 101 -13.39 24.31 30.11
N ILE D 102 -13.58 25.44 30.78
CA ILE D 102 -12.52 26.08 31.53
C ILE D 102 -11.84 25.07 32.44
N ARG D 103 -12.46 23.91 32.62
CA ARG D 103 -11.91 22.87 33.47
C ARG D 103 -10.59 22.33 32.90
N ASP D 104 -10.41 22.42 31.59
CA ASP D 104 -9.17 21.95 30.97
C ASP D 104 -8.22 23.10 30.68
N GLY D 105 -8.59 24.31 31.12
CA GLY D 105 -7.73 25.45 30.89
C GLY D 105 -8.41 26.58 30.12
N GLY D 106 -7.81 27.75 30.15
CA GLY D 106 -8.39 28.89 29.46
C GLY D 106 -7.60 29.42 28.28
N CYS D 107 -6.65 28.63 27.79
CA CYS D 107 -5.84 29.04 26.66
C CYS D 107 -5.83 27.96 25.57
N MET D 108 -5.74 28.37 24.32
CA MET D 108 -5.79 27.41 23.23
C MET D 108 -4.46 26.97 22.66
N LEU D 109 -4.39 25.68 22.35
CA LEU D 109 -3.20 25.05 21.80
C LEU D 109 -3.47 24.42 20.44
N LEU D 110 -2.48 24.47 19.58
CA LEU D 110 -2.58 23.88 18.25
C LEU D 110 -1.51 22.80 18.13
N SER D 111 -1.93 21.61 17.72
CA SER D 111 -1.00 20.49 17.51
C SER D 111 -1.26 20.00 16.08
N LYS D 112 -0.53 19.00 15.64
CA LYS D 112 -0.68 18.52 14.27
C LYS D 112 -2.03 17.89 13.92
N THR D 113 -2.75 17.36 14.91
CA THR D 113 -4.06 16.77 14.63
C THR D 113 -5.19 17.35 15.48
N ARG D 114 -4.87 18.30 16.35
CA ARG D 114 -5.90 18.87 17.21
C ARG D 114 -5.76 20.36 17.51
N LEU D 115 -6.87 20.93 17.99
CA LEU D 115 -6.96 22.31 18.43
C LEU D 115 -7.72 22.11 19.73
N ASP D 116 -7.06 22.37 20.85
CA ASP D 116 -7.66 22.09 22.13
C ASP D 116 -7.17 23.10 23.16
N ASN D 117 -7.94 23.28 24.22
CA ASN D 117 -7.54 24.21 25.27
C ASN D 117 -6.64 23.51 26.29
N GLY D 118 -5.73 24.28 26.87
CA GLY D 118 -4.82 23.75 27.86
C GLY D 118 -4.65 24.78 28.98
N ASN D 119 -3.84 24.42 29.97
CA ASN D 119 -3.57 25.28 31.13
C ASN D 119 -2.70 26.50 30.78
N CYS D 120 -3.29 27.69 30.87
CA CYS D 120 -2.60 28.94 30.56
C CYS D 120 -1.25 29.14 31.24
N ASP D 121 -1.11 28.56 32.43
CA ASP D 121 0.14 28.70 33.18
C ASP D 121 1.20 27.66 32.82
N GLN D 122 0.83 26.67 32.02
CA GLN D 122 1.83 25.68 31.64
C GLN D 122 2.64 26.23 30.46
N VAL D 123 3.78 25.61 30.18
CA VAL D 123 4.64 26.11 29.13
C VAL D 123 4.65 25.32 27.84
N PHE D 124 4.52 26.03 26.71
CA PHE D 124 4.52 25.46 25.36
C PHE D 124 5.17 26.46 24.42
N ILE D 125 5.58 26.00 23.24
CA ILE D 125 6.17 26.93 22.28
C ILE D 125 5.09 27.88 21.75
N CYS D 126 5.50 29.04 21.25
CA CYS D 126 4.59 30.03 20.73
C CYS D 126 4.53 30.12 19.21
N ILE D 127 3.37 30.48 18.68
CA ILE D 127 3.26 30.71 17.25
C ILE D 127 2.89 32.20 17.15
N CYS D 128 3.83 33.01 16.69
CA CYS D 128 3.56 34.44 16.51
C CYS D 128 3.22 34.63 15.04
N GLY D 129 2.31 35.57 14.77
CA GLY D 129 1.92 35.82 13.40
C GLY D 129 2.07 37.27 12.99
N LYS D 130 2.20 37.49 11.70
CA LYS D 130 2.34 38.82 11.14
C LYS D 130 1.63 38.83 9.81
N ARG D 131 0.73 39.80 9.62
CA ARG D 131 0.00 39.93 8.37
C ARG D 131 0.80 40.87 7.48
N LEU D 132 0.97 40.49 6.22
CA LEU D 132 1.72 41.29 5.27
C LEU D 132 0.82 42.31 4.57
N ASP D 133 -0.45 41.96 4.40
CA ASP D 133 -1.39 42.83 3.73
C ASP D 133 -2.07 43.86 4.63
N LYS D 134 -1.45 44.18 5.76
CA LYS D 134 -2.03 45.18 6.65
C LYS D 134 -1.64 46.55 6.10
N ARG E 1 12.52 -6.65 -10.24
CA ARG E 1 12.13 -6.60 -11.68
C ARG E 1 11.74 -7.98 -12.19
N GLY E 2 10.96 -8.01 -13.26
CA GLY E 2 10.47 -9.26 -13.81
C GLY E 2 11.39 -10.05 -14.72
N PRO E 3 10.92 -11.21 -15.19
CA PRO E 3 11.66 -12.09 -16.08
C PRO E 3 11.47 -11.73 -17.55
N GLY E 4 12.49 -11.99 -18.37
CA GLY E 4 12.40 -11.71 -19.78
C GLY E 4 12.37 -12.98 -20.61
N ARG E 5 11.41 -13.11 -21.53
CA ARG E 5 11.35 -14.29 -22.37
C ARG E 5 12.57 -14.25 -23.30
N ALA E 6 13.02 -13.03 -23.58
CA ALA E 6 14.18 -12.80 -24.44
C ALA E 6 14.13 -13.61 -25.75
N PHE E 7 12.94 -13.64 -26.33
CA PHE E 7 12.68 -14.35 -27.57
C PHE E 7 13.00 -15.85 -27.57
N VAL E 8 13.00 -16.46 -26.38
CA VAL E 8 13.20 -17.90 -26.31
C VAL E 8 11.78 -18.45 -26.34
N THR E 9 11.28 -18.69 -27.54
CA THR E 9 9.92 -19.17 -27.76
C THR E 9 9.74 -20.68 -27.60
N ILE E 10 8.50 -21.12 -27.40
CA ILE E 10 8.22 -22.54 -27.25
C ILE E 10 8.40 -23.26 -28.57
C1 EDO F . 18.86 -4.28 -6.58
O1 EDO F . 18.49 -3.44 -5.47
C2 EDO F . 19.90 -3.53 -7.44
O2 EDO F . 21.14 -3.53 -6.70
C1 EDO G . 12.01 -20.48 -21.17
O1 EDO G . 13.43 -20.39 -20.98
C2 EDO G . 11.63 -19.67 -22.41
O2 EDO G . 11.18 -18.37 -21.98
C1 EDO H . -20.89 -11.15 9.59
O1 EDO H . -20.94 -10.83 8.19
C2 EDO H . -22.20 -11.85 9.94
O2 EDO H . -22.43 -11.63 11.32
#